data_6IFG
#
_entry.id   6IFG
#
_cell.length_a   51.598
_cell.length_b   57.594
_cell.length_c   69.321
_cell.angle_alpha   89.77
_cell.angle_beta   82.14
_cell.angle_gamma   67.80
#
_symmetry.space_group_name_H-M   'P 1'
#
loop_
_entity.id
_entity.type
_entity.pdbx_description
1 polymer 'Zinc metalloprotease'
2 polymer 'Tripeptides (TYR-SER-ALA)'
3 non-polymer 'ZINC ION'
4 non-polymer 'FORMIC ACID'
5 water water
#
loop_
_entity_poly.entity_id
_entity_poly.type
_entity_poly.pdbx_seq_one_letter_code
_entity_poly.pdbx_strand_id
1 'polypeptide(L)'
;MASWSHPQFEKGSSHHHHHHSSGSGGGGGENLYFQGSQSVGDSIFPSLGQRGLDVQHYDLHLTVPRPGEPHLSGDVTLTV
GAREPLSRIVLDLLGPRVSAAQWNGQRVRWVQTAQKVEVTLPRPLRPGETGRLRLIYAGTPELSGDPGLPIRPGWQNEAG
LSYSLSEPHGTRGFLPCNDHPSDPATFTVRVTVPASASAAASGLFTTQTERNGLKTLTFTQRVPVPTYALGLIVGPLERR
TAPDVQLGTQTVHRRDIYAAGLPAGTTVPEGETARMLRVLSDWFGPYPDEVYGVALLPVRQLALETAGLTTMPATSNRER
VRLHALAHQWFGDQVTLADWADTWLSEGFATYAELLWAESQGEDGQAMAADWYARLSVLPSRPLRATREEEIFDASAYFR
GALALHALRLKVGDAAFGQFLHSYVKTFTGRPVSTTALLTLVKTQLGAEAEQTLRVWVEGRTLPPLPEPVGAPV
;
A,B
2 'polypeptide(L)' YSA E,F
#
# COMPACT_ATOMS: atom_id res chain seq x y z
N GLN A 38 -8.14 -9.00 -8.32
CA GLN A 38 -7.43 -10.10 -7.66
C GLN A 38 -7.61 -10.04 -6.15
N SER A 39 -7.85 -8.85 -5.60
CA SER A 39 -8.10 -8.71 -4.17
C SER A 39 -9.48 -9.24 -3.82
N VAL A 40 -9.82 -9.20 -2.52
CA VAL A 40 -11.18 -9.63 -2.16
C VAL A 40 -12.21 -8.70 -2.78
N GLY A 41 -11.84 -7.46 -3.08
CA GLY A 41 -12.76 -6.52 -3.68
C GLY A 41 -13.64 -5.79 -2.68
N ASP A 42 -13.20 -5.68 -1.44
CA ASP A 42 -13.96 -4.96 -0.43
C ASP A 42 -14.30 -3.56 -0.91
N SER A 43 -15.54 -3.13 -0.64
CA SER A 43 -15.97 -1.81 -1.11
C SER A 43 -15.29 -0.69 -0.34
N ILE A 44 -14.87 -0.93 0.90
CA ILE A 44 -14.21 0.10 1.69
C ILE A 44 -12.69 -0.01 1.58
N PHE A 45 -12.14 -1.22 1.56
CA PHE A 45 -10.69 -1.44 1.53
C PHE A 45 -10.38 -2.32 0.31
N PRO A 46 -10.34 -1.73 -0.88
CA PRO A 46 -10.34 -2.55 -2.11
C PRO A 46 -9.03 -3.26 -2.41
N SER A 47 -7.96 -3.04 -1.65
CA SER A 47 -6.70 -3.76 -1.93
C SER A 47 -6.49 -4.98 -1.04
N LEU A 48 -7.24 -5.11 0.06
CA LEU A 48 -6.97 -6.17 1.02
C LEU A 48 -7.42 -7.54 0.54
N GLY A 49 -6.69 -8.57 0.98
CA GLY A 49 -7.08 -9.94 0.77
C GLY A 49 -6.80 -10.40 -0.65
N GLN A 50 -7.04 -11.70 -0.88
CA GLN A 50 -6.94 -12.30 -2.19
C GLN A 50 -8.25 -12.98 -2.51
N ARG A 51 -8.82 -12.66 -3.67
CA ARG A 51 -10.08 -13.27 -4.06
C ARG A 51 -9.95 -14.78 -4.11
N GLY A 52 -10.90 -15.48 -3.50
CA GLY A 52 -10.96 -16.93 -3.61
C GLY A 52 -10.07 -17.69 -2.63
N LEU A 53 -9.14 -17.02 -1.97
CA LEU A 53 -8.29 -17.69 -0.98
C LEU A 53 -9.10 -18.04 0.25
N ASP A 54 -8.95 -19.26 0.74
CA ASP A 54 -9.59 -19.71 1.97
C ASP A 54 -8.50 -20.19 2.93
N VAL A 55 -7.97 -19.27 3.75
CA VAL A 55 -7.06 -19.70 4.80
C VAL A 55 -7.86 -20.47 5.83
N GLN A 56 -7.44 -21.69 6.11
CA GLN A 56 -8.16 -22.47 7.11
C GLN A 56 -7.52 -22.43 8.47
N HIS A 57 -6.20 -22.29 8.54
CA HIS A 57 -5.51 -22.32 9.82
C HIS A 57 -4.21 -21.53 9.72
N TYR A 58 -3.95 -20.70 10.72
CA TYR A 58 -2.65 -20.05 10.88
C TYR A 58 -1.93 -20.74 12.02
N ASP A 59 -0.73 -21.25 11.75
CA ASP A 59 0.15 -21.79 12.78
C ASP A 59 1.30 -20.79 12.95
N LEU A 60 1.20 -19.94 13.95
CA LEU A 60 2.11 -18.80 14.12
C LEU A 60 3.03 -19.01 15.31
N HIS A 61 4.33 -18.84 15.07
CA HIS A 61 5.32 -18.69 16.14
C HIS A 61 5.84 -17.26 16.08
N LEU A 62 5.45 -16.44 17.05
CA LEU A 62 5.85 -15.03 17.10
C LEU A 62 6.81 -14.83 18.25
N THR A 63 7.95 -14.18 17.98
CA THR A 63 8.95 -13.88 18.99
C THR A 63 9.01 -12.38 19.20
N VAL A 64 8.77 -11.95 20.44
CA VAL A 64 8.78 -10.55 20.81
C VAL A 64 9.89 -10.33 21.82
N PRO A 65 11.05 -9.85 21.38
CA PRO A 65 12.21 -9.82 22.29
C PRO A 65 12.09 -8.76 23.36
N ARG A 66 11.42 -7.65 23.09
CA ARG A 66 11.26 -6.57 24.06
C ARG A 66 9.82 -6.08 24.03
N PRO A 67 8.94 -6.64 24.86
CA PRO A 67 7.57 -6.15 24.95
C PRO A 67 7.53 -4.63 25.14
N GLY A 68 6.62 -3.97 24.41
CA GLY A 68 6.54 -2.52 24.40
C GLY A 68 7.36 -1.86 23.31
N GLU A 69 8.16 -2.62 22.57
CA GLU A 69 8.86 -2.14 21.40
C GLU A 69 8.45 -3.00 20.22
N PRO A 70 8.28 -2.40 19.03
CA PRO A 70 7.51 -3.07 17.98
C PRO A 70 8.26 -4.17 17.25
N HIS A 71 9.59 -4.24 17.35
CA HIS A 71 10.30 -5.24 16.57
C HIS A 71 9.90 -6.65 16.99
N LEU A 72 9.92 -7.57 16.03
CA LEU A 72 9.49 -8.93 16.27
C LEU A 72 9.97 -9.79 15.11
N SER A 73 9.88 -11.09 15.29
CA SER A 73 10.19 -12.05 14.25
C SER A 73 9.10 -13.11 14.25
N GLY A 74 8.85 -13.72 13.11
CA GLY A 74 7.71 -14.59 12.96
C GLY A 74 8.04 -15.81 12.11
N ASP A 75 7.34 -16.90 12.40
CA ASP A 75 7.43 -18.14 11.64
C ASP A 75 6.01 -18.68 11.57
N VAL A 76 5.38 -18.60 10.39
CA VAL A 76 3.98 -18.94 10.26
C VAL A 76 3.79 -19.96 9.13
N THR A 77 2.95 -20.96 9.38
CA THR A 77 2.50 -21.86 8.33
C THR A 77 0.99 -21.69 8.20
N LEU A 78 0.55 -21.26 7.01
CA LEU A 78 -0.85 -21.17 6.68
C LEU A 78 -1.31 -22.44 5.99
N THR A 79 -2.37 -23.06 6.49
CA THR A 79 -3.05 -24.10 5.75
C THR A 79 -4.14 -23.45 4.92
N VAL A 80 -4.02 -23.53 3.60
CA VAL A 80 -4.88 -22.75 2.70
C VAL A 80 -5.63 -23.68 1.76
N GLY A 81 -6.93 -23.39 1.60
CA GLY A 81 -7.72 -23.87 0.51
C GLY A 81 -8.10 -22.76 -0.44
N ALA A 82 -9.01 -23.08 -1.35
CA ALA A 82 -9.36 -22.15 -2.39
C ALA A 82 -10.78 -22.38 -2.86
N ARG A 83 -11.47 -21.30 -3.19
CA ARG A 83 -12.77 -21.38 -3.82
C ARG A 83 -12.69 -21.29 -5.32
N GLU A 84 -11.54 -20.89 -5.85
CA GLU A 84 -11.25 -20.91 -7.28
C GLU A 84 -9.77 -21.25 -7.44
N PRO A 85 -9.38 -21.77 -8.59
CA PRO A 85 -7.98 -22.13 -8.80
C PRO A 85 -7.08 -20.93 -8.58
N LEU A 86 -6.04 -21.12 -7.76
CA LEU A 86 -5.09 -20.07 -7.44
C LEU A 86 -3.72 -20.50 -7.94
N SER A 87 -3.16 -19.74 -8.88
CA SER A 87 -1.80 -20.01 -9.32
C SER A 87 -0.77 -19.34 -8.42
N ARG A 88 -1.21 -18.39 -7.59
CA ARG A 88 -0.38 -17.72 -6.60
C ARG A 88 -1.17 -17.57 -5.31
N ILE A 89 -0.45 -17.52 -4.19
CA ILE A 89 -1.03 -17.16 -2.90
C ILE A 89 -0.55 -15.74 -2.61
N VAL A 90 -1.49 -14.82 -2.37
CA VAL A 90 -1.15 -13.41 -2.16
C VAL A 90 -1.65 -13.01 -0.78
N LEU A 91 -0.73 -12.63 0.09
CA LEU A 91 -1.06 -12.32 1.47
C LEU A 91 -0.76 -10.85 1.74
N ASP A 92 -1.53 -10.29 2.66
CA ASP A 92 -1.27 -8.93 3.15
C ASP A 92 -0.13 -8.98 4.17
N LEU A 93 0.83 -8.07 4.05
CA LEU A 93 1.93 -7.95 5.01
C LEU A 93 2.48 -6.54 4.93
N LEU A 94 2.60 -5.87 6.08
CA LEU A 94 2.92 -4.43 6.12
C LEU A 94 3.94 -4.15 7.21
N GLY A 95 5.22 -4.15 6.82
CA GLY A 95 6.28 -3.79 7.75
C GLY A 95 7.39 -4.81 7.79
N PRO A 96 7.10 -5.99 8.35
CA PRO A 96 8.14 -7.03 8.42
C PRO A 96 8.60 -7.47 7.03
N ARG A 97 9.84 -7.92 6.96
CA ARG A 97 10.41 -8.41 5.71
C ARG A 97 10.47 -9.93 5.75
N VAL A 98 9.92 -10.56 4.72
CA VAL A 98 10.01 -12.01 4.58
C VAL A 98 11.43 -12.40 4.20
N SER A 99 11.95 -13.42 4.85
CA SER A 99 13.31 -13.89 4.56
C SER A 99 13.33 -15.27 3.92
N ALA A 100 12.26 -16.06 4.05
CA ALA A 100 12.21 -17.40 3.50
C ALA A 100 10.76 -17.82 3.35
N ALA A 101 10.50 -18.67 2.36
CA ALA A 101 9.16 -19.17 2.15
C ALA A 101 9.23 -20.60 1.63
N GLN A 102 8.28 -21.43 2.06
CA GLN A 102 8.17 -22.80 1.57
C GLN A 102 6.72 -23.14 1.32
N TRP A 103 6.50 -24.00 0.32
CA TRP A 103 5.18 -24.50 -0.04
C TRP A 103 5.21 -26.01 0.05
N ASN A 104 4.41 -26.56 0.97
CA ASN A 104 4.39 -28.00 1.23
C ASN A 104 5.79 -28.53 1.49
N GLY A 105 6.60 -27.75 2.21
CA GLY A 105 7.91 -28.18 2.62
C GLY A 105 8.99 -28.00 1.58
N GLN A 106 8.69 -27.36 0.45
CA GLN A 106 9.62 -27.19 -0.65
C GLN A 106 9.88 -25.71 -0.91
N ARG A 107 11.09 -25.42 -1.41
CA ARG A 107 11.40 -24.07 -1.86
C ARG A 107 10.38 -23.61 -2.89
N VAL A 108 10.02 -22.33 -2.85
CA VAL A 108 9.00 -21.77 -3.73
C VAL A 108 9.39 -20.34 -4.13
N ARG A 109 8.93 -19.92 -5.30
CA ARG A 109 9.17 -18.55 -5.75
C ARG A 109 8.25 -17.59 -4.99
N TRP A 110 8.81 -16.48 -4.50
CA TRP A 110 8.00 -15.49 -3.84
C TRP A 110 8.64 -14.12 -4.01
N VAL A 111 7.81 -13.09 -3.90
CA VAL A 111 8.27 -11.71 -3.93
C VAL A 111 7.45 -10.93 -2.93
N GLN A 112 8.08 -9.98 -2.25
CA GLN A 112 7.38 -9.10 -1.32
C GLN A 112 7.31 -7.71 -1.93
N THR A 113 6.09 -7.18 -2.06
CA THR A 113 5.88 -5.83 -2.56
C THR A 113 5.58 -4.88 -1.40
N ALA A 114 5.03 -3.71 -1.73
CA ALA A 114 4.78 -2.70 -0.70
C ALA A 114 3.90 -3.24 0.43
N GLN A 115 2.83 -3.95 0.07
CA GLN A 115 1.88 -4.39 1.09
C GLN A 115 1.44 -5.84 0.91
N LYS A 116 2.12 -6.61 0.05
CA LYS A 116 1.76 -7.99 -0.19
C LYS A 116 3.01 -8.85 -0.21
N VAL A 117 2.83 -10.12 0.13
CA VAL A 117 3.78 -11.17 -0.19
C VAL A 117 3.08 -12.06 -1.22
N GLU A 118 3.75 -12.31 -2.34
CA GLU A 118 3.15 -13.03 -3.46
C GLU A 118 3.96 -14.29 -3.72
N VAL A 119 3.33 -15.45 -3.56
CA VAL A 119 3.98 -16.76 -3.68
C VAL A 119 3.46 -17.44 -4.92
N THR A 120 4.36 -17.79 -5.84
CA THR A 120 3.98 -18.50 -7.05
C THR A 120 4.09 -20.00 -6.79
N LEU A 121 2.99 -20.71 -7.01
CA LEU A 121 2.93 -22.14 -6.73
C LEU A 121 3.45 -22.94 -7.91
N PRO A 122 3.99 -24.14 -7.66
CA PRO A 122 4.46 -24.97 -8.77
C PRO A 122 3.33 -25.38 -9.71
N ARG A 123 2.10 -25.45 -9.20
CA ARG A 123 0.92 -25.63 -10.01
C ARG A 123 -0.27 -25.11 -9.22
N PRO A 124 -1.37 -24.79 -9.89
CA PRO A 124 -2.46 -24.07 -9.20
C PRO A 124 -3.01 -24.87 -8.04
N LEU A 125 -3.31 -24.16 -6.95
CA LEU A 125 -4.10 -24.74 -5.88
C LEU A 125 -5.56 -24.75 -6.30
N ARG A 126 -6.21 -25.92 -6.25
CA ARG A 126 -7.55 -25.98 -6.81
C ARG A 126 -8.59 -26.32 -5.74
N PRO A 127 -9.83 -25.87 -5.92
CA PRO A 127 -10.85 -26.03 -4.88
C PRO A 127 -10.97 -27.48 -4.40
N GLY A 128 -10.99 -27.65 -3.08
CA GLY A 128 -11.00 -28.96 -2.47
C GLY A 128 -9.66 -29.44 -1.96
N GLU A 129 -8.57 -28.86 -2.48
CA GLU A 129 -7.21 -29.16 -2.02
C GLU A 129 -6.80 -28.20 -0.93
N THR A 130 -5.80 -28.59 -0.15
CA THR A 130 -5.12 -27.66 0.74
C THR A 130 -3.62 -27.79 0.55
N GLY A 131 -2.90 -26.74 0.93
CA GLY A 131 -1.46 -26.76 0.96
C GLY A 131 -0.98 -25.95 2.16
N ARG A 132 0.30 -26.12 2.47
CA ARG A 132 0.93 -25.43 3.60
C ARG A 132 1.94 -24.42 3.09
N LEU A 133 1.68 -23.14 3.36
CA LEU A 133 2.59 -22.06 3.01
C LEU A 133 3.30 -21.58 4.28
N ARG A 134 4.63 -21.70 4.30
CA ARG A 134 5.40 -21.29 5.47
C ARG A 134 6.22 -20.06 5.12
N LEU A 135 6.16 -19.06 5.99
CA LEU A 135 6.83 -17.78 5.79
C LEU A 135 7.64 -17.45 7.04
N ILE A 136 8.91 -17.11 6.84
CA ILE A 136 9.78 -16.63 7.91
C ILE A 136 9.96 -15.14 7.70
N TYR A 137 9.78 -14.35 8.75
CA TYR A 137 9.80 -12.90 8.58
C TYR A 137 10.23 -12.22 9.87
N ALA A 138 10.62 -10.96 9.73
CA ALA A 138 11.14 -10.19 10.85
C ALA A 138 11.12 -8.71 10.51
N GLY A 139 10.99 -7.88 11.55
CA GLY A 139 11.04 -6.45 11.34
C GLY A 139 10.05 -5.70 12.21
N THR A 140 9.56 -4.58 11.72
CA THR A 140 8.71 -3.67 12.48
C THR A 140 7.33 -3.57 11.87
N PRO A 141 6.29 -4.05 12.53
CA PRO A 141 4.93 -3.86 12.02
C PRO A 141 4.66 -2.38 11.82
N GLU A 142 3.92 -2.06 10.76
CA GLU A 142 3.50 -0.68 10.50
C GLU A 142 2.02 -0.53 10.84
N LEU A 143 1.67 0.62 11.41
CA LEU A 143 0.29 0.90 11.76
C LEU A 143 -0.44 1.46 10.54
N ASP A 146 -4.24 7.01 9.08
CA ASP A 146 -5.49 7.07 8.34
C ASP A 146 -6.58 7.80 9.14
N PRO A 147 -6.75 9.09 8.87
CA PRO A 147 -7.70 9.90 9.66
C PRO A 147 -9.14 9.43 9.57
N GLY A 148 -9.46 8.55 8.64
CA GLY A 148 -10.82 8.04 8.50
C GLY A 148 -11.22 7.01 9.52
N LEU A 149 -10.29 6.48 10.30
CA LEU A 149 -10.57 5.45 11.28
C LEU A 149 -10.43 6.00 12.70
N PRO A 150 -11.13 5.39 13.67
CA PRO A 150 -11.03 5.87 15.06
C PRO A 150 -9.67 5.58 15.68
N ILE A 151 -8.98 4.55 15.23
CA ILE A 151 -7.69 4.15 15.77
C ILE A 151 -6.75 3.95 14.60
N ARG A 152 -5.45 3.88 14.90
CA ARG A 152 -4.46 3.40 13.95
C ARG A 152 -4.30 1.91 14.21
N PRO A 153 -4.96 1.05 13.45
CA PRO A 153 -5.01 -0.37 13.82
C PRO A 153 -3.70 -1.07 13.52
N GLY A 154 -3.43 -2.10 14.32
CA GLY A 154 -2.26 -2.90 14.12
C GLY A 154 -1.59 -3.30 15.41
N TRP A 155 -0.29 -3.54 15.34
CA TRP A 155 0.51 -3.98 16.47
C TRP A 155 0.84 -2.78 17.34
N GLN A 156 0.20 -2.69 18.50
CA GLN A 156 0.34 -1.55 19.39
C GLN A 156 1.49 -1.78 20.36
N ASN A 157 2.17 -0.70 20.70
CA ASN A 157 3.32 -0.77 21.61
C ASN A 157 3.29 0.43 22.53
N GLU A 158 3.12 0.18 23.82
CA GLU A 158 3.06 1.27 24.80
C GLU A 158 3.11 0.66 26.18
N ALA A 159 3.79 1.37 27.09
CA ALA A 159 3.82 1.06 28.52
C ALA A 159 4.22 -0.40 28.77
N GLY A 160 5.30 -0.82 28.11
CA GLY A 160 5.82 -2.17 28.31
C GLY A 160 4.98 -3.29 27.72
N LEU A 161 3.93 -2.95 26.95
CA LEU A 161 3.04 -3.93 26.34
C LEU A 161 3.12 -3.82 24.83
N SER A 162 3.08 -4.98 24.17
CA SER A 162 2.82 -5.05 22.74
C SER A 162 1.56 -5.88 22.56
N TYR A 163 0.63 -5.40 21.73
CA TYR A 163 -0.62 -6.14 21.58
C TYR A 163 -1.26 -5.77 20.25
N SER A 164 -2.08 -6.69 19.76
CA SER A 164 -2.83 -6.46 18.53
C SER A 164 -4.13 -5.73 18.83
N LEU A 165 -4.36 -4.64 18.13
CA LEU A 165 -5.64 -3.95 18.13
C LEU A 165 -5.87 -3.62 16.66
N SER A 166 -6.37 -4.61 15.92
CA SER A 166 -6.13 -4.63 14.48
C SER A 166 -7.39 -4.56 13.64
N GLU A 167 -8.55 -4.26 14.22
CA GLU A 167 -9.72 -4.05 13.38
C GLU A 167 -9.66 -2.65 12.78
N PRO A 168 -9.90 -2.48 11.47
CA PRO A 168 -10.26 -3.56 10.55
C PRO A 168 -9.08 -4.31 9.91
N HIS A 169 -7.96 -3.64 9.63
CA HIS A 169 -6.92 -4.23 8.77
C HIS A 169 -5.51 -4.00 9.33
N GLY A 170 -5.30 -4.30 10.60
CA GLY A 170 -3.96 -4.17 11.15
C GLY A 170 -3.18 -5.46 11.33
N THR A 171 -3.85 -6.61 11.24
CA THR A 171 -3.15 -7.86 11.50
C THR A 171 -2.00 -8.09 10.52
N ARG A 172 -2.15 -7.63 9.28
CA ARG A 172 -1.08 -7.75 8.29
C ARG A 172 0.22 -7.12 8.77
N GLY A 173 0.19 -6.28 9.80
CA GLY A 173 1.43 -5.67 10.28
C GLY A 173 2.36 -6.68 10.94
N PHE A 174 1.82 -7.66 11.63
CA PHE A 174 2.65 -8.62 12.35
C PHE A 174 2.42 -10.04 11.92
N LEU A 175 1.53 -10.28 10.95
CA LEU A 175 1.22 -11.64 10.51
C LEU A 175 0.86 -11.62 9.04
N PRO A 176 1.65 -12.25 8.15
CA PRO A 176 1.22 -12.37 6.76
C PRO A 176 -0.09 -13.15 6.73
N CYS A 177 -1.13 -12.53 6.20
CA CYS A 177 -2.45 -13.10 6.33
C CYS A 177 -3.35 -12.61 5.21
N ASN A 178 -4.48 -13.29 5.05
CA ASN A 178 -5.58 -12.85 4.21
C ASN A 178 -6.43 -11.92 5.08
N ASP A 179 -6.11 -10.62 5.07
CA ASP A 179 -6.57 -9.71 6.12
C ASP A 179 -7.95 -9.13 5.77
N HIS A 180 -8.95 -10.01 5.79
CA HIS A 180 -10.32 -9.62 5.46
C HIS A 180 -11.29 -10.52 6.20
N PRO A 181 -12.36 -9.97 6.77
CA PRO A 181 -13.22 -10.79 7.65
C PRO A 181 -14.02 -11.85 6.91
N SER A 182 -14.09 -11.82 5.58
CA SER A 182 -14.76 -12.90 4.85
C SER A 182 -13.98 -14.21 4.90
N ASP A 183 -12.76 -14.20 5.42
CA ASP A 183 -11.90 -15.38 5.46
C ASP A 183 -11.40 -15.61 6.88
N PRO A 184 -12.31 -15.97 7.79
CA PRO A 184 -11.87 -16.35 9.14
C PRO A 184 -11.09 -17.65 9.09
N ALA A 185 -10.42 -17.93 10.20
CA ALA A 185 -9.56 -19.10 10.29
C ALA A 185 -9.37 -19.45 11.75
N THR A 186 -8.95 -20.69 11.98
CA THR A 186 -8.47 -21.07 13.30
C THR A 186 -7.00 -20.70 13.42
N PHE A 187 -6.53 -20.62 14.65
CA PHE A 187 -5.18 -20.17 14.96
C PHE A 187 -4.54 -21.06 16.00
N THR A 188 -3.26 -21.38 15.79
CA THR A 188 -2.40 -21.88 16.86
C THR A 188 -1.24 -20.90 16.98
N VAL A 189 -1.02 -20.38 18.19
CA VAL A 189 -0.05 -19.31 18.38
C VAL A 189 0.93 -19.70 19.49
N ARG A 190 2.21 -19.68 19.16
CA ARG A 190 3.28 -19.81 20.13
C ARG A 190 3.97 -18.46 20.23
N VAL A 191 3.95 -17.87 21.42
CA VAL A 191 4.57 -16.58 21.64
C VAL A 191 5.81 -16.79 22.48
N THR A 192 6.95 -16.30 21.99
CA THR A 192 8.21 -16.37 22.72
C THR A 192 8.54 -14.97 23.22
N VAL A 193 8.70 -14.85 24.53
CA VAL A 193 8.93 -13.57 25.20
C VAL A 193 10.01 -13.75 26.25
N PRO A 194 10.61 -12.64 26.70
CA PRO A 194 11.56 -12.74 27.82
C PRO A 194 10.92 -13.41 29.02
N ALA A 195 11.74 -14.13 29.78
CA ALA A 195 11.21 -14.88 30.92
C ALA A 195 10.58 -13.97 31.96
N SER A 196 10.95 -12.70 32.03
CA SER A 196 10.34 -11.78 32.99
C SER A 196 8.96 -11.31 32.54
N ALA A 197 8.54 -11.62 31.32
CA ALA A 197 7.27 -11.19 30.76
C ALA A 197 6.37 -12.41 30.59
N SER A 198 5.16 -12.16 30.09
CA SER A 198 4.27 -13.24 29.76
C SER A 198 3.53 -12.86 28.48
N ALA A 199 2.53 -13.65 28.12
CA ALA A 199 1.80 -13.43 26.89
C ALA A 199 0.44 -14.09 27.02
N ALA A 200 -0.50 -13.57 26.23
CA ALA A 200 -1.83 -14.12 26.11
C ALA A 200 -2.27 -13.95 24.67
N ALA A 201 -2.75 -15.03 24.08
CA ALA A 201 -3.34 -14.97 22.76
C ALA A 201 -4.69 -15.65 22.83
N SER A 202 -5.55 -15.36 21.85
CA SER A 202 -6.83 -16.04 21.80
C SER A 202 -6.61 -17.55 21.77
N GLY A 203 -7.46 -18.27 22.49
CA GLY A 203 -7.49 -19.72 22.45
C GLY A 203 -7.16 -20.35 23.79
N LEU A 204 -7.32 -21.66 23.83
CA LEU A 204 -6.99 -22.39 25.05
C LEU A 204 -5.48 -22.33 25.26
N PHE A 205 -5.07 -21.90 26.46
CA PHE A 205 -3.67 -21.92 26.86
C PHE A 205 -3.28 -23.32 27.31
N THR A 206 -2.30 -23.92 26.63
CA THR A 206 -1.91 -25.28 26.99
C THR A 206 -0.54 -25.36 27.66
N THR A 207 0.51 -24.86 27.03
CA THR A 207 1.87 -25.13 27.50
C THR A 207 2.67 -23.86 27.63
N GLN A 208 3.59 -23.87 28.60
CA GLN A 208 4.57 -22.82 28.80
C GLN A 208 5.91 -23.49 29.04
N THR A 209 6.89 -23.18 28.20
CA THR A 209 8.24 -23.71 28.37
C THR A 209 9.23 -22.55 28.46
N GLU A 210 10.36 -22.82 29.11
CA GLU A 210 11.36 -21.79 29.35
C GLU A 210 12.74 -22.34 29.10
N ARG A 211 13.53 -21.62 28.32
CA ARG A 211 14.90 -22.03 28.04
C ARG A 211 15.71 -20.80 27.66
N ASN A 212 16.95 -20.75 28.12
CA ASN A 212 17.87 -19.66 27.77
C ASN A 212 17.25 -18.30 28.09
N GLY A 213 16.48 -18.25 29.17
CA GLY A 213 15.83 -17.01 29.58
C GLY A 213 14.65 -16.59 28.73
N LEU A 214 14.16 -17.46 27.86
CA LEU A 214 13.01 -17.18 27.02
C LEU A 214 11.88 -18.12 27.38
N LYS A 215 10.66 -17.60 27.35
CA LYS A 215 9.46 -18.36 27.67
C LYS A 215 8.60 -18.44 26.42
N THR A 216 8.11 -19.64 26.09
CA THR A 216 7.23 -19.81 24.94
C THR A 216 5.89 -20.34 25.43
N LEU A 217 4.82 -19.61 25.11
CA LEU A 217 3.47 -19.98 25.51
C LEU A 217 2.63 -20.32 24.29
N THR A 218 1.83 -21.37 24.40
CA THR A 218 1.04 -21.86 23.26
C THR A 218 -0.46 -21.71 23.52
N PHE A 219 -1.15 -21.20 22.53
CA PHE A 219 -2.59 -20.98 22.59
C PHE A 219 -3.23 -21.56 21.34
N THR A 220 -4.40 -22.18 21.48
CA THR A 220 -5.08 -22.78 20.34
C THR A 220 -6.50 -22.24 20.23
N GLN A 221 -6.75 -21.45 19.20
CA GLN A 221 -8.08 -20.94 18.87
C GLN A 221 -8.75 -21.93 17.91
N ARG A 222 -9.71 -22.70 18.41
CA ARG A 222 -10.21 -23.86 17.67
C ARG A 222 -11.51 -23.59 16.93
N VAL A 223 -12.09 -22.40 17.09
CA VAL A 223 -13.23 -22.02 16.25
C VAL A 223 -12.77 -20.84 15.40
N PRO A 224 -13.16 -20.78 14.13
CA PRO A 224 -12.56 -19.79 13.22
C PRO A 224 -13.13 -18.40 13.45
N VAL A 225 -12.23 -17.42 13.39
CA VAL A 225 -12.57 -16.02 13.57
C VAL A 225 -11.74 -15.18 12.61
N PRO A 226 -12.16 -13.94 12.36
CA PRO A 226 -11.38 -13.07 11.47
C PRO A 226 -9.99 -12.80 12.02
N THR A 227 -9.09 -12.39 11.12
CA THR A 227 -7.73 -12.07 11.53
C THR A 227 -7.70 -11.01 12.64
N TYR A 228 -8.54 -9.98 12.53
CA TYR A 228 -8.49 -8.93 13.55
C TYR A 228 -9.01 -9.40 14.91
N ALA A 229 -9.75 -10.50 14.94
CA ALA A 229 -10.22 -11.09 16.19
C ALA A 229 -9.17 -11.97 16.85
N LEU A 230 -7.99 -12.14 16.24
CA LEU A 230 -6.88 -12.79 16.94
C LEU A 230 -6.36 -11.86 18.03
N GLY A 231 -6.64 -12.18 19.28
CA GLY A 231 -6.03 -11.46 20.39
C GLY A 231 -4.61 -11.93 20.61
N LEU A 232 -3.74 -10.98 20.95
CA LEU A 232 -2.33 -11.30 21.14
C LEU A 232 -1.69 -10.16 21.94
N ILE A 233 -1.32 -10.45 23.17
CA ILE A 233 -0.77 -9.46 24.09
C ILE A 233 0.49 -10.03 24.71
N VAL A 234 1.53 -9.22 24.80
CA VAL A 234 2.77 -9.60 25.44
C VAL A 234 3.22 -8.49 26.38
N GLY A 235 3.76 -8.87 27.52
CA GLY A 235 4.19 -7.92 28.53
C GLY A 235 3.94 -8.45 29.92
N PRO A 236 3.93 -7.57 30.92
CA PRO A 236 3.67 -8.02 32.29
C PRO A 236 2.19 -8.29 32.51
N LEU A 237 1.78 -9.53 32.34
CA LEU A 237 0.38 -9.89 32.44
C LEU A 237 0.24 -11.19 33.21
N GLU A 238 -0.92 -11.39 33.79
CA GLU A 238 -1.18 -12.62 34.53
C GLU A 238 -2.60 -13.10 34.26
N ARG A 239 -2.74 -14.41 34.18
CA ARG A 239 -4.02 -15.06 33.96
C ARG A 239 -4.67 -15.36 35.30
N ARG A 240 -5.98 -15.14 35.38
CA ARG A 240 -6.76 -15.45 36.57
C ARG A 240 -8.03 -16.14 36.12
N THR A 241 -8.23 -17.36 36.58
CA THR A 241 -9.37 -18.14 36.17
C THR A 241 -10.58 -17.88 37.08
N ALA A 242 -11.75 -18.24 36.58
CA ALA A 242 -12.99 -18.29 37.33
C ALA A 242 -13.65 -19.62 37.05
N PRO A 243 -14.69 -19.97 37.81
CA PRO A 243 -15.36 -21.26 37.60
C PRO A 243 -15.96 -21.40 36.21
N ASP A 244 -15.99 -22.63 35.72
CA ASP A 244 -16.62 -22.91 34.43
C ASP A 244 -18.07 -22.41 34.45
N VAL A 245 -18.52 -21.92 33.31
CA VAL A 245 -19.91 -21.52 33.13
C VAL A 245 -20.61 -22.66 32.43
N GLN A 246 -21.62 -23.24 33.08
CA GLN A 246 -22.36 -24.37 32.54
C GLN A 246 -23.61 -23.83 31.86
N LEU A 247 -23.63 -23.91 30.53
CA LEU A 247 -24.79 -23.59 29.73
C LEU A 247 -25.43 -24.90 29.33
N GLY A 248 -26.70 -24.83 28.92
CA GLY A 248 -27.42 -26.07 28.62
C GLY A 248 -26.68 -26.96 27.64
N THR A 249 -26.15 -26.38 26.58
CA THR A 249 -25.51 -27.12 25.50
C THR A 249 -23.99 -27.25 25.63
N GLN A 250 -23.36 -26.59 26.60
CA GLN A 250 -21.90 -26.52 26.58
C GLN A 250 -21.36 -26.06 27.92
N THR A 251 -20.06 -26.25 28.09
CA THR A 251 -19.31 -25.66 29.19
C THR A 251 -18.42 -24.57 28.61
N VAL A 252 -18.40 -23.40 29.26
CA VAL A 252 -17.58 -22.28 28.80
C VAL A 252 -16.57 -21.98 29.89
N HIS A 253 -15.28 -22.18 29.59
CA HIS A 253 -14.25 -21.87 30.57
C HIS A 253 -14.14 -20.36 30.74
N ARG A 254 -13.60 -19.96 31.89
CA ARG A 254 -13.51 -18.56 32.28
C ARG A 254 -12.09 -18.23 32.72
N ARG A 255 -11.52 -17.21 32.08
CA ARG A 255 -10.29 -16.61 32.58
C ARG A 255 -10.22 -15.20 32.05
N ASP A 256 -9.69 -14.30 32.85
CA ASP A 256 -9.37 -12.94 32.44
C ASP A 256 -7.86 -12.77 32.54
N ILE A 257 -7.34 -11.81 31.79
CA ILE A 257 -5.93 -11.45 31.85
C ILE A 257 -5.83 -10.07 32.47
N TYR A 258 -4.91 -9.93 33.42
CA TYR A 258 -4.67 -8.65 34.09
C TYR A 258 -3.24 -8.23 33.82
N ALA A 259 -3.07 -7.09 33.16
CA ALA A 259 -1.75 -6.52 33.01
C ALA A 259 -1.38 -5.70 34.25
N ALA A 260 -0.08 -5.48 34.41
CA ALA A 260 0.39 -4.64 35.50
C ALA A 260 -0.01 -3.20 35.26
N GLY A 261 -0.14 -2.44 36.35
CA GLY A 261 -0.38 -1.01 36.25
C GLY A 261 -1.82 -0.57 36.08
N LEU A 262 -2.79 -1.42 36.42
CA LEU A 262 -4.18 -1.07 36.19
C LEU A 262 -4.66 -0.05 37.22
N PRO A 263 -5.55 0.85 36.81
CA PRO A 263 -6.16 1.80 37.76
C PRO A 263 -6.91 1.11 38.89
N ALA A 264 -6.86 1.73 40.06
CA ALA A 264 -7.65 1.26 41.20
C ALA A 264 -9.12 1.08 40.79
N GLY A 265 -9.68 -0.06 41.16
CA GLY A 265 -11.06 -0.34 40.84
C GLY A 265 -11.31 -0.91 39.46
N THR A 266 -10.28 -1.48 38.82
CA THR A 266 -10.44 -2.12 37.53
C THR A 266 -10.75 -3.58 37.84
N THR A 267 -11.96 -4.01 37.53
CA THR A 267 -12.28 -5.40 37.81
C THR A 267 -13.37 -5.85 36.87
N VAL A 268 -13.65 -7.14 36.94
CA VAL A 268 -14.83 -7.76 36.35
C VAL A 268 -15.70 -8.24 37.50
N PRO A 269 -16.90 -7.68 37.69
CA PRO A 269 -17.73 -8.07 38.82
C PRO A 269 -17.92 -9.59 38.89
N GLU A 270 -17.74 -10.14 40.09
CA GLU A 270 -17.83 -11.59 40.25
C GLU A 270 -19.16 -12.09 39.70
N GLY A 271 -19.10 -13.18 38.93
CA GLY A 271 -20.28 -13.81 38.38
C GLY A 271 -21.01 -13.03 37.30
N GLU A 272 -20.58 -11.80 36.98
CA GLU A 272 -21.25 -11.06 35.93
C GLU A 272 -21.10 -11.75 34.57
N THR A 273 -19.91 -12.26 34.27
CA THR A 273 -19.70 -12.82 32.93
C THR A 273 -20.57 -14.06 32.71
N ALA A 274 -20.77 -14.86 33.76
CA ALA A 274 -21.61 -16.06 33.60
C ALA A 274 -23.06 -15.68 33.32
N ARG A 275 -23.58 -14.67 34.03
CA ARG A 275 -24.94 -14.23 33.77
C ARG A 275 -25.09 -13.69 32.36
N MET A 276 -24.11 -12.90 31.90
CA MET A 276 -24.14 -12.39 30.53
C MET A 276 -24.11 -13.52 29.52
N LEU A 277 -23.23 -14.50 29.73
CA LEU A 277 -23.18 -15.66 28.83
C LEU A 277 -24.52 -16.34 28.77
N ARG A 278 -25.18 -16.48 29.92
CA ARG A 278 -26.48 -17.14 29.99
C ARG A 278 -27.54 -16.32 29.26
N VAL A 279 -27.59 -15.01 29.54
CA VAL A 279 -28.59 -14.18 28.88
C VAL A 279 -28.35 -14.13 27.38
N LEU A 280 -27.09 -13.93 26.97
CA LEU A 280 -26.85 -13.75 25.54
C LEU A 280 -27.04 -15.06 24.78
N SER A 281 -26.56 -16.18 25.33
CA SER A 281 -26.74 -17.46 24.65
C SER A 281 -28.21 -17.86 24.57
N ASP A 282 -29.02 -17.48 25.56
CA ASP A 282 -30.45 -17.75 25.47
C ASP A 282 -31.11 -16.96 24.35
N TRP A 283 -30.50 -15.85 23.94
CA TRP A 283 -31.02 -15.04 22.85
C TRP A 283 -30.46 -15.45 21.50
N PHE A 284 -29.18 -15.81 21.45
CA PHE A 284 -28.47 -15.98 20.19
C PHE A 284 -28.21 -17.42 19.83
N GLY A 285 -28.28 -18.35 20.80
CA GLY A 285 -27.80 -19.69 20.60
C GLY A 285 -26.47 -19.91 21.31
N PRO A 286 -25.95 -21.12 21.23
CA PRO A 286 -24.73 -21.46 21.98
C PRO A 286 -23.61 -20.45 21.78
N TYR A 287 -22.91 -20.14 22.87
CA TYR A 287 -21.68 -19.37 22.78
C TYR A 287 -20.71 -20.04 21.81
N PRO A 288 -20.11 -19.30 20.88
CA PRO A 288 -19.37 -19.96 19.79
C PRO A 288 -18.04 -20.57 20.21
N ASP A 289 -17.52 -20.27 21.39
CA ASP A 289 -16.11 -20.53 21.67
C ASP A 289 -16.03 -21.37 22.94
N GLU A 290 -14.80 -21.69 23.34
CA GLU A 290 -14.56 -22.60 24.45
C GLU A 290 -14.27 -21.89 25.76
N VAL A 291 -13.99 -20.59 25.69
CA VAL A 291 -13.59 -19.80 26.86
C VAL A 291 -14.01 -18.34 26.61
N TYR A 292 -14.21 -17.59 27.67
CA TYR A 292 -14.40 -16.16 27.53
C TYR A 292 -13.78 -15.43 28.72
N GLY A 293 -13.31 -14.23 28.45
CA GLY A 293 -12.78 -13.35 29.48
C GLY A 293 -12.34 -12.07 28.82
N VAL A 294 -11.75 -11.19 29.64
CA VAL A 294 -11.21 -9.92 29.15
C VAL A 294 -9.75 -9.85 29.53
N ALA A 295 -8.98 -9.15 28.70
CA ALA A 295 -7.59 -8.82 28.99
C ALA A 295 -7.58 -7.33 29.34
N LEU A 296 -7.48 -7.03 30.63
CA LEU A 296 -7.54 -5.66 31.10
C LEU A 296 -6.16 -5.02 30.99
N LEU A 297 -6.06 -3.90 30.26
CA LEU A 297 -4.80 -3.23 30.01
C LEU A 297 -4.84 -1.82 30.56
N PRO A 298 -3.71 -1.32 31.04
CA PRO A 298 -3.69 0.03 31.64
C PRO A 298 -3.60 1.13 30.60
N VAL A 299 -3.96 0.85 29.36
CA VAL A 299 -3.87 1.82 28.28
C VAL A 299 -5.23 2.47 28.09
N ARG A 300 -5.27 3.50 27.25
CA ARG A 300 -6.47 4.27 26.97
C ARG A 300 -6.82 4.06 25.50
N GLN A 301 -7.85 3.26 25.24
CA GLN A 301 -8.09 2.80 23.87
C GLN A 301 -9.45 2.13 23.84
N LEU A 302 -9.96 1.88 22.62
CA LEU A 302 -11.20 1.16 22.47
C LEU A 302 -11.02 -0.31 22.87
N ALA A 303 -12.12 -0.92 23.34
CA ALA A 303 -12.17 -2.35 23.57
C ALA A 303 -12.41 -3.07 22.25
N LEU A 304 -11.71 -4.19 22.05
CA LEU A 304 -11.85 -4.94 20.82
C LEU A 304 -12.19 -6.39 21.17
N GLU A 305 -13.23 -6.91 20.52
CA GLU A 305 -13.76 -8.26 20.74
C GLU A 305 -12.85 -9.37 20.24
N THR A 306 -11.56 -9.32 20.57
CA THR A 306 -10.69 -10.44 20.21
C THR A 306 -11.25 -11.75 20.77
N ALA A 307 -11.05 -12.81 20.01
CA ALA A 307 -11.80 -14.06 20.19
C ALA A 307 -11.56 -14.68 21.56
N GLY A 308 -12.65 -14.91 22.29
CA GLY A 308 -12.62 -15.54 23.60
C GLY A 308 -11.85 -14.78 24.65
N LEU A 309 -11.33 -13.60 24.29
CA LEU A 309 -10.47 -12.84 25.19
C LEU A 309 -10.49 -11.39 24.67
N THR A 310 -11.47 -10.63 25.13
CA THR A 310 -11.62 -9.27 24.66
C THR A 310 -10.44 -8.45 25.14
N THR A 311 -9.85 -7.68 24.22
CA THR A 311 -8.77 -6.76 24.57
C THR A 311 -9.42 -5.50 25.13
N MET A 312 -9.21 -5.25 26.42
CA MET A 312 -10.01 -4.31 27.20
C MET A 312 -9.13 -3.25 27.86
N PRO A 313 -8.81 -2.16 27.17
CA PRO A 313 -8.18 -1.04 27.87
C PRO A 313 -9.04 -0.63 29.04
N ALA A 314 -8.39 -0.34 30.17
CA ALA A 314 -9.15 -0.13 31.40
C ALA A 314 -10.15 1.02 31.26
N THR A 315 -9.84 2.00 30.42
CA THR A 315 -10.70 3.16 30.25
C THR A 315 -12.03 2.80 29.60
N SER A 316 -12.09 1.67 28.88
CA SER A 316 -13.33 1.22 28.29
C SER A 316 -14.04 0.16 29.13
N ASN A 317 -13.53 -0.17 30.32
CA ASN A 317 -14.05 -1.30 31.09
C ASN A 317 -15.28 -0.87 31.86
N ARG A 318 -16.43 -0.90 31.17
CA ARG A 318 -17.74 -0.61 31.75
C ARG A 318 -18.67 -1.76 31.42
N GLU A 319 -19.74 -1.90 32.21
CA GLU A 319 -20.68 -3.01 32.03
C GLU A 319 -21.16 -3.12 30.58
N ARG A 320 -21.60 -2.00 29.98
CA ARG A 320 -22.17 -2.08 28.63
C ARG A 320 -21.12 -2.47 27.60
N VAL A 321 -19.89 -2.00 27.78
CA VAL A 321 -18.81 -2.40 26.88
C VAL A 321 -18.47 -3.87 27.05
N ARG A 322 -18.42 -4.36 28.30
CA ARG A 322 -18.16 -5.79 28.50
C ARG A 322 -19.25 -6.64 27.84
N LEU A 323 -20.51 -6.26 28.00
CA LEU A 323 -21.58 -6.95 27.29
C LEU A 323 -21.37 -6.87 25.77
N HIS A 324 -21.18 -5.65 25.27
CA HIS A 324 -20.97 -5.40 23.84
C HIS A 324 -19.90 -6.31 23.26
N ALA A 325 -18.73 -6.36 23.89
CA ALA A 325 -17.62 -7.16 23.37
C ALA A 325 -17.94 -8.64 23.38
N LEU A 326 -18.67 -9.09 24.40
CA LEU A 326 -19.10 -10.48 24.47
C LEU A 326 -20.11 -10.80 23.37
N ALA A 327 -21.05 -9.88 23.13
CA ALA A 327 -22.01 -10.08 22.05
C ALA A 327 -21.32 -10.23 20.70
N HIS A 328 -20.22 -9.47 20.47
CA HIS A 328 -19.45 -9.60 19.24
C HIS A 328 -18.90 -11.00 19.02
N GLN A 329 -18.71 -11.79 20.09
CA GLN A 329 -18.24 -13.15 19.91
C GLN A 329 -19.16 -13.91 18.96
N TRP A 330 -20.46 -13.62 19.01
CA TRP A 330 -21.39 -14.06 17.98
C TRP A 330 -21.32 -13.14 16.76
N PHE A 331 -21.62 -11.86 16.97
CA PHE A 331 -21.84 -10.93 15.87
C PHE A 331 -20.53 -10.19 15.57
N GLY A 332 -19.77 -10.78 14.65
CA GLY A 332 -18.47 -10.26 14.28
C GLY A 332 -17.45 -11.36 14.21
N ASP A 333 -17.37 -12.18 15.27
CA ASP A 333 -16.35 -13.23 15.33
C ASP A 333 -16.86 -14.54 14.74
N GLN A 334 -18.07 -14.98 15.11
CA GLN A 334 -18.63 -16.17 14.50
C GLN A 334 -19.33 -15.83 13.19
N VAL A 335 -20.29 -14.90 13.25
CA VAL A 335 -20.93 -14.34 12.06
C VAL A 335 -20.04 -13.20 11.58
N THR A 336 -19.32 -13.41 10.47
CA THR A 336 -18.32 -12.45 10.01
C THR A 336 -18.82 -11.68 8.79
N LEU A 337 -18.23 -10.50 8.58
CA LEU A 337 -18.67 -9.61 7.51
C LEU A 337 -18.12 -10.05 6.17
N ALA A 338 -18.98 -10.02 5.15
CA ALA A 338 -18.51 -10.19 3.79
C ALA A 338 -17.85 -8.93 3.25
N ASP A 339 -18.18 -7.77 3.80
CA ASP A 339 -17.69 -6.49 3.30
C ASP A 339 -17.70 -5.49 4.45
N TRP A 340 -16.66 -4.66 4.54
CA TRP A 340 -16.56 -3.70 5.63
C TRP A 340 -17.65 -2.64 5.59
N ALA A 341 -18.34 -2.46 4.46
CA ALA A 341 -19.48 -1.55 4.44
C ALA A 341 -20.60 -1.97 5.38
N ASP A 342 -20.64 -3.26 5.78
CA ASP A 342 -21.73 -3.79 6.59
C ASP A 342 -21.38 -3.91 8.07
N THR A 343 -20.48 -3.05 8.58
CA THR A 343 -20.09 -3.13 9.99
C THR A 343 -21.29 -3.05 10.91
N TRP A 344 -22.40 -2.44 10.48
CA TRP A 344 -23.55 -2.35 11.36
C TRP A 344 -24.08 -3.72 11.76
N LEU A 345 -23.85 -4.73 10.91
CA LEU A 345 -24.24 -6.09 11.27
C LEU A 345 -23.48 -6.60 12.49
N SER A 346 -22.26 -6.09 12.70
CA SER A 346 -21.49 -6.40 13.89
C SER A 346 -21.78 -5.38 15.00
N GLU A 347 -21.52 -4.09 14.72
CA GLU A 347 -21.64 -3.08 15.78
C GLU A 347 -23.08 -2.87 16.21
N GLY A 348 -24.03 -2.94 15.26
CA GLY A 348 -25.42 -2.70 15.63
C GLY A 348 -26.01 -3.85 16.44
N PHE A 349 -25.68 -5.08 16.05
CA PHE A 349 -26.16 -6.24 16.82
C PHE A 349 -25.53 -6.27 18.20
N ALA A 350 -24.21 -6.06 18.27
CA ALA A 350 -23.55 -6.04 19.57
C ALA A 350 -24.10 -4.94 20.46
N THR A 351 -24.45 -3.79 19.86
CA THR A 351 -25.05 -2.71 20.64
C THR A 351 -26.44 -3.09 21.11
N TYR A 352 -27.25 -3.66 20.21
CA TYR A 352 -28.59 -4.05 20.63
C TYR A 352 -28.53 -5.08 21.73
N ALA A 353 -27.50 -5.94 21.72
CA ALA A 353 -27.36 -6.91 22.80
C ALA A 353 -27.31 -6.24 24.17
N GLU A 354 -26.74 -5.03 24.25
CA GLU A 354 -26.70 -4.32 25.53
C GLU A 354 -28.11 -4.05 26.05
N LEU A 355 -29.03 -3.75 25.15
CA LEU A 355 -30.42 -3.50 25.57
C LEU A 355 -31.09 -4.79 26.01
N LEU A 356 -30.85 -5.89 25.29
CA LEU A 356 -31.35 -7.18 25.75
C LEU A 356 -30.80 -7.50 27.13
N TRP A 357 -29.52 -7.19 27.36
CA TRP A 357 -28.93 -7.45 28.67
C TRP A 357 -29.58 -6.59 29.74
N ALA A 358 -29.74 -5.30 29.45
CA ALA A 358 -30.37 -4.39 30.41
C ALA A 358 -31.75 -4.88 30.80
N GLU A 359 -32.56 -5.28 29.82
CA GLU A 359 -33.89 -5.78 30.14
C GLU A 359 -33.82 -7.02 31.01
N SER A 360 -32.88 -7.92 30.70
CA SER A 360 -32.72 -9.13 31.50
C SER A 360 -32.41 -8.79 32.96
N GLN A 361 -31.80 -7.65 33.22
CA GLN A 361 -31.50 -7.20 34.58
C GLN A 361 -32.58 -6.32 35.16
N GLY A 362 -33.75 -6.25 34.52
CA GLY A 362 -34.89 -5.52 35.03
C GLY A 362 -35.04 -4.10 34.54
N GLU A 363 -34.24 -3.66 33.58
CA GLU A 363 -34.34 -2.28 33.14
C GLU A 363 -35.37 -2.16 32.02
N ASP A 364 -35.80 -0.92 31.79
CA ASP A 364 -36.76 -0.58 30.76
C ASP A 364 -36.03 -0.47 29.43
N GLY A 365 -36.27 -1.43 28.53
CA GLY A 365 -35.57 -1.43 27.25
C GLY A 365 -36.00 -0.29 26.36
N GLN A 366 -37.30 0.04 26.38
CA GLN A 366 -37.78 1.10 25.50
C GLN A 366 -37.16 2.45 25.85
N ALA A 367 -36.99 2.73 27.15
CA ALA A 367 -36.33 3.96 27.56
C ALA A 367 -34.89 3.98 27.06
N MET A 368 -34.21 2.84 27.11
CA MET A 368 -32.85 2.77 26.59
C MET A 368 -32.82 3.02 25.09
N ALA A 369 -33.78 2.43 24.35
CA ALA A 369 -33.88 2.74 22.93
C ALA A 369 -34.22 4.21 22.73
N ALA A 370 -35.08 4.77 23.59
CA ALA A 370 -35.41 6.19 23.47
C ALA A 370 -34.19 7.05 23.73
N ASP A 371 -33.34 6.66 24.67
CA ASP A 371 -32.11 7.41 24.92
C ASP A 371 -31.20 7.37 23.70
N TRP A 372 -30.98 6.18 23.12
CA TRP A 372 -30.20 6.11 21.89
C TRP A 372 -30.79 6.99 20.80
N TYR A 373 -32.12 6.94 20.64
CA TYR A 373 -32.76 7.71 19.58
C TYR A 373 -32.55 9.20 19.77
N ALA A 374 -32.75 9.68 20.99
CA ALA A 374 -32.51 11.10 21.26
C ALA A 374 -31.10 11.50 20.85
N ARG A 375 -30.12 10.63 21.10
CA ARG A 375 -28.74 10.91 20.71
C ARG A 375 -28.60 10.97 19.19
N LEU A 376 -29.24 10.05 18.48
CA LEU A 376 -29.17 10.06 17.02
C LEU A 376 -29.91 11.23 16.41
N SER A 377 -30.97 11.71 17.08
CA SER A 377 -31.83 12.72 16.47
C SER A 377 -31.11 14.04 16.25
N VAL A 378 -29.96 14.26 16.87
CA VAL A 378 -29.23 15.51 16.69
C VAL A 378 -27.96 15.32 15.88
N LEU A 379 -27.79 14.15 15.27
CA LEU A 379 -26.62 13.79 14.47
C LEU A 379 -27.03 13.50 13.03
N PRO A 380 -26.13 13.65 12.06
CA PRO A 380 -26.45 13.19 10.71
C PRO A 380 -26.78 11.70 10.73
N SER A 381 -27.67 11.29 9.85
CA SER A 381 -27.99 9.88 9.66
C SER A 381 -27.57 9.46 8.27
N ARG A 382 -27.59 8.15 8.03
CA ARG A 382 -27.21 7.57 6.76
C ARG A 382 -27.87 6.20 6.63
N PRO A 383 -28.00 5.69 5.40
CA PRO A 383 -28.36 4.28 5.24
C PRO A 383 -27.29 3.42 5.90
N LEU A 384 -27.69 2.21 6.28
CA LEU A 384 -26.82 1.41 7.15
C LEU A 384 -25.61 0.85 6.42
N ARG A 385 -25.74 0.52 5.13
CA ARG A 385 -24.56 0.14 4.35
C ARG A 385 -23.66 1.37 4.15
N ALA A 386 -22.45 1.31 4.69
CA ALA A 386 -21.54 2.44 4.59
C ALA A 386 -21.00 2.60 3.17
N THR A 387 -20.76 3.84 2.78
CA THR A 387 -20.10 4.12 1.50
C THR A 387 -18.69 4.65 1.68
N ARG A 388 -18.29 5.02 2.89
CA ARG A 388 -16.96 5.55 3.11
C ARG A 388 -16.39 5.05 4.43
N GLU A 389 -15.07 4.98 4.46
CA GLU A 389 -14.35 4.49 5.63
C GLU A 389 -14.73 5.24 6.90
N GLU A 390 -14.89 6.56 6.80
CA GLU A 390 -15.22 7.37 7.97
C GLU A 390 -16.51 6.93 8.63
N GLU A 391 -17.34 6.17 7.92
CA GLU A 391 -18.65 5.79 8.44
C GLU A 391 -18.67 4.45 9.17
N ILE A 392 -17.71 3.56 8.91
CA ILE A 392 -17.92 2.18 9.32
C ILE A 392 -17.97 2.02 10.84
N PHE A 393 -17.42 2.96 11.61
CA PHE A 393 -17.59 2.92 13.06
C PHE A 393 -18.27 4.17 13.60
N ASP A 394 -19.17 4.77 12.82
CA ASP A 394 -19.81 5.99 13.26
C ASP A 394 -21.06 5.68 14.07
N ALA A 395 -21.74 6.74 14.53
CA ALA A 395 -22.90 6.56 15.42
C ALA A 395 -24.00 5.74 14.75
N SER A 396 -24.12 5.83 13.43
CA SER A 396 -25.19 5.09 12.74
C SER A 396 -24.91 3.58 12.76
N ALA A 397 -23.65 3.18 12.60
CA ALA A 397 -23.32 1.76 12.61
C ALA A 397 -23.71 1.11 13.93
N TYR A 398 -23.57 1.85 15.03
CA TYR A 398 -23.90 1.34 16.35
C TYR A 398 -25.38 1.49 16.66
N PHE A 399 -25.86 2.73 16.71
CA PHE A 399 -27.16 3.00 17.30
C PHE A 399 -28.29 2.96 16.28
N ARG A 400 -28.06 3.41 15.04
CA ARG A 400 -29.10 3.17 14.03
C ARG A 400 -29.19 1.68 13.72
N GLY A 401 -28.05 0.99 13.73
CA GLY A 401 -28.08 -0.46 13.59
C GLY A 401 -28.87 -1.13 14.70
N ALA A 402 -28.65 -0.71 15.95
CA ALA A 402 -29.39 -1.32 17.05
C ALA A 402 -30.88 -0.99 16.95
N LEU A 403 -31.21 0.27 16.62
CA LEU A 403 -32.62 0.64 16.50
C LEU A 403 -33.28 -0.03 15.33
N ALA A 404 -32.53 -0.35 14.27
CA ALA A 404 -33.08 -1.19 13.22
C ALA A 404 -33.58 -2.52 13.79
N LEU A 405 -32.76 -3.17 14.62
CA LEU A 405 -33.19 -4.42 15.25
C LEU A 405 -34.35 -4.18 16.21
N HIS A 406 -34.34 -3.03 16.91
CA HIS A 406 -35.45 -2.72 17.80
C HIS A 406 -36.76 -2.65 17.02
N ALA A 407 -36.73 -2.00 15.85
CA ALA A 407 -37.93 -1.91 15.01
C ALA A 407 -38.39 -3.29 14.58
N LEU A 408 -37.46 -4.13 14.12
CA LEU A 408 -37.83 -5.49 13.72
C LEU A 408 -38.41 -6.25 14.89
N ARG A 409 -37.77 -6.19 16.06
CA ARG A 409 -38.26 -6.89 17.23
C ARG A 409 -39.68 -6.45 17.59
N LEU A 410 -39.95 -5.14 17.56
CA LEU A 410 -41.28 -4.69 17.92
C LEU A 410 -42.32 -5.12 16.91
N LYS A 411 -41.93 -5.25 15.64
CA LYS A 411 -42.87 -5.68 14.61
C LYS A 411 -43.29 -7.13 14.82
N VAL A 412 -42.35 -8.03 15.14
CA VAL A 412 -42.65 -9.47 15.15
C VAL A 412 -42.85 -10.06 16.55
N GLY A 413 -42.60 -9.30 17.61
CA GLY A 413 -42.72 -9.84 18.95
C GLY A 413 -41.48 -10.61 19.37
N ASP A 414 -41.31 -10.73 20.70
CA ASP A 414 -40.05 -11.22 21.24
C ASP A 414 -39.80 -12.69 20.88
N ALA A 415 -40.85 -13.50 20.84
CA ALA A 415 -40.68 -14.92 20.51
C ALA A 415 -40.11 -15.08 19.11
N ALA A 416 -40.75 -14.44 18.12
CA ALA A 416 -40.28 -14.54 16.74
C ALA A 416 -38.90 -13.89 16.59
N PHE A 417 -38.66 -12.80 17.31
CA PHE A 417 -37.36 -12.13 17.24
C PHE A 417 -36.26 -13.03 17.78
N GLY A 418 -36.50 -13.65 18.95
CA GLY A 418 -35.51 -14.58 19.48
C GLY A 418 -35.28 -15.76 18.55
N GLN A 419 -36.36 -16.32 18.02
CA GLN A 419 -36.20 -17.40 17.05
C GLN A 419 -35.41 -16.93 15.85
N PHE A 420 -35.66 -15.70 15.38
CA PHE A 420 -34.93 -15.20 14.23
C PHE A 420 -33.45 -15.04 14.52
N LEU A 421 -33.10 -14.47 15.69
CA LEU A 421 -31.68 -14.34 16.02
C LEU A 421 -30.99 -15.70 16.06
N HIS A 422 -31.65 -16.70 16.64
CA HIS A 422 -31.09 -18.05 16.60
C HIS A 422 -30.87 -18.49 15.16
N SER A 423 -31.86 -18.27 14.29
CA SER A 423 -31.74 -18.73 12.90
C SER A 423 -30.67 -17.94 12.17
N TYR A 424 -30.58 -16.63 12.44
CA TYR A 424 -29.56 -15.80 11.79
C TYR A 424 -28.16 -16.31 12.08
N VAL A 425 -27.87 -16.61 13.34
CA VAL A 425 -26.53 -17.06 13.73
C VAL A 425 -26.21 -18.38 13.03
N LYS A 426 -27.15 -19.32 13.07
CA LYS A 426 -26.92 -20.60 12.40
C LYS A 426 -26.79 -20.42 10.90
N THR A 427 -27.59 -19.54 10.31
CA THR A 427 -27.57 -19.37 8.86
C THR A 427 -26.22 -18.87 8.38
N PHE A 428 -25.60 -17.96 9.16
CA PHE A 428 -24.36 -17.31 8.77
C PHE A 428 -23.18 -17.77 9.64
N THR A 429 -23.26 -18.99 10.15
CA THR A 429 -22.08 -19.66 10.69
C THR A 429 -21.34 -20.28 9.52
N GLY A 430 -20.05 -20.02 9.42
CA GLY A 430 -19.26 -20.56 8.33
C GLY A 430 -19.48 -19.89 6.99
N ARG A 431 -20.26 -18.82 6.92
CA ARG A 431 -20.59 -18.07 5.71
C ARG A 431 -20.70 -16.59 6.05
N PRO A 432 -19.94 -15.72 5.41
CA PRO A 432 -20.00 -14.29 5.75
C PRO A 432 -21.38 -13.71 5.42
N VAL A 433 -21.76 -12.69 6.18
CA VAL A 433 -23.09 -12.10 6.08
C VAL A 433 -23.00 -10.76 5.36
N SER A 434 -24.14 -10.34 4.81
CA SER A 434 -24.27 -9.04 4.18
C SER A 434 -25.64 -8.46 4.51
N THR A 435 -25.78 -7.15 4.33
CA THR A 435 -27.07 -6.52 4.58
C THR A 435 -28.14 -7.12 3.68
N THR A 436 -27.83 -7.31 2.40
CA THR A 436 -28.82 -7.91 1.52
C THR A 436 -29.22 -9.29 2.00
N ALA A 437 -28.24 -10.11 2.39
CA ALA A 437 -28.56 -11.47 2.86
C ALA A 437 -29.38 -11.43 4.14
N LEU A 438 -29.12 -10.45 5.02
CA LEU A 438 -29.97 -10.33 6.21
C LEU A 438 -31.42 -10.08 5.81
N LEU A 439 -31.65 -9.08 4.96
CA LEU A 439 -33.01 -8.74 4.56
C LEU A 439 -33.71 -9.92 3.92
N THR A 440 -32.98 -10.69 3.10
CA THR A 440 -33.55 -11.88 2.48
C THR A 440 -33.98 -12.90 3.53
N LEU A 441 -33.13 -13.14 4.53
CA LEU A 441 -33.49 -14.07 5.59
C LEU A 441 -34.69 -13.57 6.39
N VAL A 442 -34.75 -12.26 6.70
CA VAL A 442 -35.92 -11.74 7.39
C VAL A 442 -37.17 -11.97 6.56
N LYS A 443 -37.10 -11.66 5.27
CA LYS A 443 -38.24 -11.89 4.39
C LYS A 443 -38.67 -13.35 4.45
N THR A 444 -37.72 -14.27 4.34
CA THR A 444 -38.02 -15.70 4.35
C THR A 444 -38.52 -16.17 5.70
N GLN A 445 -37.85 -15.77 6.79
CA GLN A 445 -38.17 -16.32 8.10
C GLN A 445 -39.34 -15.57 8.76
N LEU A 446 -39.39 -14.25 8.61
CA LEU A 446 -40.34 -13.44 9.34
C LEU A 446 -41.44 -12.83 8.49
N GLY A 447 -41.29 -12.81 7.16
CA GLY A 447 -42.33 -12.35 6.28
C GLY A 447 -42.04 -10.97 5.70
N ALA A 448 -42.89 -10.60 4.73
CA ALA A 448 -42.64 -9.40 3.96
C ALA A 448 -42.77 -8.13 4.79
N GLU A 449 -43.75 -8.08 5.69
CA GLU A 449 -43.93 -6.90 6.52
C GLU A 449 -42.74 -6.69 7.46
N ALA A 450 -42.20 -7.78 8.02
CA ALA A 450 -41.00 -7.67 8.85
C ALA A 450 -39.83 -7.12 8.03
N GLU A 451 -39.64 -7.67 6.82
CA GLU A 451 -38.57 -7.19 5.96
C GLU A 451 -38.73 -5.71 5.63
N GLN A 452 -39.97 -5.27 5.37
CA GLN A 452 -40.22 -3.87 5.07
C GLN A 452 -39.89 -2.97 6.25
N THR A 453 -40.24 -3.42 7.46
CA THR A 453 -39.88 -2.69 8.67
C THR A 453 -38.37 -2.53 8.78
N LEU A 454 -37.63 -3.62 8.59
CA LEU A 454 -36.18 -3.53 8.66
C LEU A 454 -35.63 -2.65 7.54
N ARG A 455 -36.19 -2.76 6.34
CA ARG A 455 -35.67 -1.99 5.21
C ARG A 455 -35.79 -0.49 5.43
N VAL A 456 -36.86 -0.04 6.11
CA VAL A 456 -36.99 1.37 6.42
C VAL A 456 -35.75 1.87 7.16
N TRP A 457 -35.24 1.05 8.07
CA TRP A 457 -34.05 1.41 8.86
C TRP A 457 -32.76 1.17 8.10
N VAL A 458 -32.73 0.16 7.22
CA VAL A 458 -31.51 -0.11 6.46
C VAL A 458 -31.30 0.95 5.38
N GLU A 459 -32.38 1.38 4.74
CA GLU A 459 -32.32 2.30 3.62
C GLU A 459 -32.74 3.70 4.05
N GLY A 460 -32.41 4.67 3.21
CA GLY A 460 -32.88 6.02 3.41
C GLY A 460 -31.95 6.89 4.23
N ARG A 461 -31.77 8.13 3.78
CA ARG A 461 -30.82 9.03 4.40
C ARG A 461 -31.33 9.63 5.70
N THR A 462 -32.63 9.79 5.86
CA THR A 462 -33.09 10.41 7.10
C THR A 462 -33.39 9.34 8.13
N LEU A 463 -33.38 9.75 9.39
CA LEU A 463 -33.64 8.85 10.50
C LEU A 463 -35.14 8.62 10.64
N PRO A 464 -35.60 7.37 10.66
CA PRO A 464 -37.02 7.11 10.84
C PRO A 464 -37.46 7.48 12.24
N PRO A 465 -38.78 7.55 12.48
CA PRO A 465 -39.28 7.79 13.84
C PRO A 465 -38.84 6.69 14.80
N LEU A 466 -38.82 7.05 16.09
CA LEU A 466 -38.47 6.10 17.14
C LEU A 466 -39.37 4.86 17.10
N PRO A 467 -38.81 3.66 17.04
CA PRO A 467 -39.65 2.45 17.09
C PRO A 467 -40.30 2.31 18.46
N GLU A 468 -41.63 2.23 18.46
CA GLU A 468 -42.42 2.12 19.68
C GLU A 468 -43.44 1.00 19.56
N PRO A 469 -43.77 0.34 20.67
CA PRO A 469 -44.84 -0.66 20.77
C PRO A 469 -46.21 -0.05 20.46
N GLN B 38 15.49 19.27 6.83
CA GLN B 38 14.17 19.58 6.30
C GLN B 38 14.00 19.05 4.88
N SER B 39 15.10 19.01 4.13
CA SER B 39 15.09 18.50 2.76
C SER B 39 15.01 16.98 2.73
N VAL B 40 14.98 16.42 1.53
CA VAL B 40 15.02 14.95 1.44
C VAL B 40 16.31 14.40 2.01
N GLY B 41 17.38 15.20 2.02
CA GLY B 41 18.65 14.73 2.55
C GLY B 41 19.45 13.92 1.55
N ASP B 42 19.21 14.13 0.26
CA ASP B 42 19.97 13.43 -0.76
C ASP B 42 21.46 13.59 -0.54
N SER B 43 22.21 12.49 -0.73
CA SER B 43 23.65 12.54 -0.47
C SER B 43 24.38 13.40 -1.49
N ILE B 44 23.85 13.55 -2.70
CA ILE B 44 24.51 14.33 -3.74
C ILE B 44 23.97 15.75 -3.81
N PHE B 45 22.66 15.93 -3.64
CA PHE B 45 22.00 17.22 -3.74
C PHE B 45 21.23 17.45 -2.45
N PRO B 46 21.91 17.84 -1.37
CA PRO B 46 21.28 17.80 -0.04
C PRO B 46 20.22 18.87 0.20
N SER B 47 19.97 19.80 -0.72
CA SER B 47 18.93 20.81 -0.52
C SER B 47 17.61 20.47 -1.20
N LEU B 48 17.59 19.50 -2.12
CA LEU B 48 16.39 19.23 -2.92
C LEU B 48 15.31 18.54 -2.09
N GLY B 49 14.05 18.83 -2.45
CA GLY B 49 12.93 18.10 -1.90
C GLY B 49 12.58 18.47 -0.48
N GLN B 50 11.48 17.91 0.03
CA GLN B 50 11.08 18.08 1.42
C GLN B 50 10.90 16.70 2.03
N ARG B 51 11.54 16.47 3.17
CA ARG B 51 11.42 15.18 3.83
C ARG B 51 9.96 14.89 4.16
N GLY B 52 9.50 13.68 3.82
CA GLY B 52 8.18 13.21 4.18
C GLY B 52 7.07 13.64 3.25
N LEU B 53 7.30 14.61 2.38
CA LEU B 53 6.29 15.03 1.43
C LEU B 53 6.08 13.92 0.41
N ASP B 54 4.82 13.60 0.12
CA ASP B 54 4.47 12.61 -0.91
C ASP B 54 3.52 13.28 -1.90
N VAL B 55 4.08 13.92 -2.94
CA VAL B 55 3.24 14.46 -4.01
C VAL B 55 2.66 13.28 -4.77
N GLN B 56 1.33 13.23 -4.86
CA GLN B 56 0.70 12.12 -5.57
C GLN B 56 0.33 12.46 -7.01
N HIS B 57 0.01 13.73 -7.27
CA HIS B 57 -0.44 14.13 -8.60
C HIS B 57 -0.13 15.59 -8.81
N TYR B 58 0.44 15.93 -9.98
CA TYR B 58 0.60 17.32 -10.42
C TYR B 58 -0.44 17.58 -11.50
N ASP B 59 -1.29 18.59 -11.29
CA ASP B 59 -2.19 19.08 -12.32
C ASP B 59 -1.67 20.43 -12.79
N LEU B 60 -0.97 20.45 -13.93
CA LEU B 60 -0.26 21.63 -14.38
C LEU B 60 -0.96 22.24 -15.59
N HIS B 61 -1.24 23.54 -15.51
CA HIS B 61 -1.63 24.32 -16.68
C HIS B 61 -0.46 25.24 -17.00
N LEU B 62 0.25 24.93 -18.08
CA LEU B 62 1.43 25.67 -18.50
C LEU B 62 1.14 26.42 -19.78
N THR B 63 1.46 27.70 -19.81
CA THR B 63 1.31 28.52 -21.01
C THR B 63 2.70 28.92 -21.49
N VAL B 64 3.00 28.58 -22.75
CA VAL B 64 4.28 28.86 -23.37
C VAL B 64 4.02 29.75 -24.58
N PRO B 65 4.19 31.07 -24.44
CA PRO B 65 3.77 32.00 -25.51
C PRO B 65 4.68 32.02 -26.73
N ARG B 66 5.97 31.78 -26.56
CA ARG B 66 6.92 31.82 -27.66
C ARG B 66 7.80 30.57 -27.59
N PRO B 67 7.37 29.49 -28.22
CA PRO B 67 8.18 28.28 -28.25
C PRO B 67 9.60 28.60 -28.69
N GLY B 68 10.57 28.02 -27.98
CA GLY B 68 11.97 28.31 -28.25
C GLY B 68 12.54 29.46 -27.45
N GLU B 69 11.70 30.17 -26.69
CA GLU B 69 12.13 31.22 -25.79
C GLU B 69 11.59 30.92 -24.38
N PRO B 70 12.35 31.21 -23.33
CA PRO B 70 12.12 30.55 -22.03
C PRO B 70 10.92 31.01 -21.22
N HIS B 71 10.34 32.18 -21.47
CA HIS B 71 9.26 32.63 -20.61
C HIS B 71 8.07 31.69 -20.67
N LEU B 72 7.36 31.59 -19.56
CA LEU B 72 6.20 30.72 -19.43
C LEU B 72 5.45 31.15 -18.19
N SER B 73 4.21 30.69 -18.09
CA SER B 73 3.39 30.91 -16.92
C SER B 73 2.73 29.59 -16.57
N GLY B 74 2.43 29.42 -15.29
CA GLY B 74 1.93 28.14 -14.80
C GLY B 74 0.86 28.32 -13.77
N ASP B 75 -0.04 27.33 -13.71
CA ASP B 75 -1.07 27.22 -12.69
C ASP B 75 -1.13 25.74 -12.37
N VAL B 76 -0.62 25.36 -11.19
CA VAL B 76 -0.45 23.95 -10.85
C VAL B 76 -1.14 23.68 -9.52
N THR B 77 -1.84 22.56 -9.44
CA THR B 77 -2.39 22.04 -8.18
C THR B 77 -1.72 20.70 -7.91
N LEU B 78 -1.02 20.62 -6.79
CA LEU B 78 -0.42 19.38 -6.32
C LEU B 78 -1.38 18.71 -5.35
N THR B 79 -1.71 17.45 -5.60
CA THR B 79 -2.39 16.66 -4.59
C THR B 79 -1.30 15.97 -3.77
N VAL B 80 -1.21 16.29 -2.49
CA VAL B 80 -0.06 15.88 -1.68
C VAL B 80 -0.53 15.08 -0.49
N GLY B 81 0.18 13.99 -0.21
CA GLY B 81 0.13 13.33 1.07
C GLY B 81 1.43 13.51 1.83
N ALA B 82 1.56 12.76 2.92
CA ALA B 82 2.71 12.93 3.78
C ALA B 82 3.01 11.65 4.53
N ARG B 83 4.30 11.38 4.73
CA ARG B 83 4.72 10.26 5.56
C ARG B 83 4.99 10.70 7.00
N GLU B 84 5.06 12.00 7.24
CA GLU B 84 5.16 12.57 8.58
C GLU B 84 4.36 13.86 8.59
N PRO B 85 3.95 14.32 9.77
CA PRO B 85 3.17 15.56 9.83
C PRO B 85 3.95 16.71 9.22
N LEU B 86 3.30 17.47 8.34
CA LEU B 86 3.91 18.61 7.69
C LEU B 86 3.10 19.85 8.02
N SER B 87 3.71 20.80 8.73
CA SER B 87 3.06 22.08 8.99
C SER B 87 3.28 23.06 7.85
N ARG B 88 4.24 22.79 6.98
CA ARG B 88 4.50 23.59 5.81
C ARG B 88 4.83 22.67 4.65
N ILE B 89 4.45 23.11 3.45
CA ILE B 89 4.83 22.43 2.22
C ILE B 89 5.95 23.24 1.58
N VAL B 90 7.08 22.59 1.31
CA VAL B 90 8.26 23.26 0.77
C VAL B 90 8.56 22.64 -0.59
N LEU B 91 8.51 23.46 -1.64
CA LEU B 91 8.69 22.99 -3.00
C LEU B 91 9.93 23.62 -3.61
N ASP B 92 10.55 22.89 -4.53
CA ASP B 92 11.65 23.42 -5.32
C ASP B 92 11.10 24.27 -6.46
N LEU B 93 11.68 25.45 -6.65
CA LEU B 93 11.29 26.32 -7.76
C LEU B 93 12.46 27.24 -8.05
N LEU B 94 12.86 27.32 -9.32
CA LEU B 94 14.12 28.00 -9.68
C LEU B 94 13.89 28.88 -10.91
N GLY B 95 13.55 30.14 -10.68
CA GLY B 95 13.41 31.08 -11.76
C GLY B 95 12.08 31.82 -11.74
N PRO B 96 11.00 31.11 -12.05
CA PRO B 96 9.68 31.74 -12.05
C PRO B 96 9.31 32.28 -10.67
N ARG B 97 8.45 33.29 -10.67
CA ARG B 97 7.97 33.93 -9.45
C ARG B 97 6.52 33.52 -9.18
N VAL B 98 6.27 33.03 -7.97
CA VAL B 98 4.93 32.69 -7.55
C VAL B 98 4.14 33.95 -7.28
N SER B 99 2.90 34.00 -7.76
CA SER B 99 2.05 35.16 -7.54
C SER B 99 0.87 34.90 -6.62
N ALA B 100 0.49 33.63 -6.42
CA ALA B 100 -0.65 33.29 -5.56
C ALA B 100 -0.50 31.83 -5.13
N ALA B 101 -1.04 31.53 -3.96
CA ALA B 101 -1.01 30.17 -3.44
C ALA B 101 -2.30 29.90 -2.70
N GLN B 102 -2.81 28.69 -2.86
CA GLN B 102 -4.03 28.25 -2.22
C GLN B 102 -3.83 26.84 -1.71
N TRP B 103 -4.46 26.55 -0.57
CA TRP B 103 -4.47 25.23 0.04
C TRP B 103 -5.94 24.83 0.16
N ASN B 104 -6.32 23.76 -0.55
CA ASN B 104 -7.70 23.31 -0.61
C ASN B 104 -8.63 24.47 -1.00
N GLY B 105 -8.14 25.32 -1.89
CA GLY B 105 -8.92 26.41 -2.44
C GLY B 105 -8.94 27.68 -1.62
N GLN B 106 -8.22 27.74 -0.51
CA GLN B 106 -8.23 28.94 0.31
C GLN B 106 -6.85 29.57 0.28
N ARG B 107 -6.83 30.90 0.29
CA ARG B 107 -5.57 31.62 0.30
C ARG B 107 -4.73 31.18 1.49
N VAL B 108 -3.43 31.07 1.27
CA VAL B 108 -2.51 30.58 2.29
C VAL B 108 -1.24 31.41 2.22
N ARG B 109 -0.54 31.50 3.36
CA ARG B 109 0.72 32.22 3.43
C ARG B 109 1.83 31.44 2.74
N TRP B 110 2.65 32.15 1.97
CA TRP B 110 3.79 31.51 1.32
C TRP B 110 4.91 32.52 1.22
N VAL B 111 6.12 31.99 1.10
CA VAL B 111 7.32 32.81 0.90
C VAL B 111 8.20 32.08 -0.11
N GLN B 112 8.78 32.82 -1.03
CA GLN B 112 9.64 32.25 -2.05
C GLN B 112 11.08 32.72 -1.83
N THR B 113 11.98 31.77 -1.68
CA THR B 113 13.38 32.12 -1.54
C THR B 113 14.09 31.87 -2.86
N ALA B 114 15.43 31.83 -2.82
CA ALA B 114 16.21 31.64 -4.04
C ALA B 114 15.79 30.37 -4.78
N GLN B 115 15.55 29.27 -4.06
CA GLN B 115 15.28 28.02 -4.76
C GLN B 115 14.12 27.24 -4.15
N LYS B 116 13.36 27.83 -3.23
CA LYS B 116 12.24 27.14 -2.61
C LYS B 116 11.03 28.05 -2.54
N VAL B 117 9.85 27.44 -2.57
CA VAL B 117 8.59 28.07 -2.17
C VAL B 117 8.11 27.36 -0.92
N GLU B 118 7.81 28.14 0.12
CA GLU B 118 7.43 27.59 1.41
C GLU B 118 6.01 28.04 1.73
N VAL B 119 5.10 27.08 1.86
CA VAL B 119 3.68 27.35 2.07
C VAL B 119 3.31 26.89 3.47
N THR B 120 2.81 27.81 4.28
CA THR B 120 2.42 27.48 5.64
C THR B 120 0.97 27.04 5.65
N LEU B 121 0.70 25.86 6.18
CA LEU B 121 -0.66 25.35 6.17
C LEU B 121 -1.44 25.85 7.39
N PRO B 122 -2.77 25.96 7.28
CA PRO B 122 -3.57 26.40 8.44
C PRO B 122 -3.50 25.42 9.60
N ARG B 123 -3.26 24.14 9.31
CA ARG B 123 -2.94 23.13 10.31
C ARG B 123 -2.16 22.02 9.60
N PRO B 124 -1.39 21.24 10.35
CA PRO B 124 -0.46 20.30 9.69
C PRO B 124 -1.19 19.30 8.82
N LEU B 125 -0.57 18.98 7.67
CA LEU B 125 -0.97 17.83 6.88
C LEU B 125 -0.42 16.58 7.54
N ARG B 126 -1.30 15.61 7.81
CA ARG B 126 -0.83 14.47 8.59
C ARG B 126 -0.97 13.18 7.80
N PRO B 127 -0.13 12.19 8.07
CA PRO B 127 -0.10 10.97 7.25
C PRO B 127 -1.47 10.33 7.06
N GLY B 128 -1.79 9.98 5.83
CA GLY B 128 -3.08 9.43 5.48
C GLY B 128 -4.05 10.43 4.89
N GLU B 129 -3.83 11.72 5.11
CA GLU B 129 -4.63 12.78 4.51
C GLU B 129 -4.00 13.22 3.19
N THR B 130 -4.81 13.87 2.37
CA THR B 130 -4.30 14.60 1.22
C THR B 130 -4.88 16.02 1.22
N GLY B 131 -4.16 16.92 0.55
CA GLY B 131 -4.64 18.26 0.32
C GLY B 131 -4.23 18.73 -1.07
N ARG B 132 -4.85 19.81 -1.52
CA ARG B 132 -4.58 20.37 -2.85
C ARG B 132 -3.84 21.70 -2.66
N LEU B 133 -2.58 21.75 -3.12
CA LEU B 133 -1.79 22.97 -3.07
C LEU B 133 -1.74 23.56 -4.48
N ARG B 134 -2.27 24.77 -4.62
CA ARG B 134 -2.31 25.43 -5.92
C ARG B 134 -1.36 26.62 -5.92
N LEU B 135 -0.52 26.70 -6.96
CA LEU B 135 0.43 27.80 -7.09
C LEU B 135 0.28 28.41 -8.48
N ILE B 136 0.18 29.74 -8.52
CA ILE B 136 0.18 30.50 -9.76
C ILE B 136 1.55 31.14 -9.88
N TYR B 137 2.20 30.97 -11.04
CA TYR B 137 3.57 31.43 -11.17
C TYR B 137 3.88 31.76 -12.63
N ALA B 138 4.94 32.55 -12.82
CA ALA B 138 5.30 32.97 -14.16
C ALA B 138 6.70 33.53 -14.15
N GLY B 139 7.36 33.45 -15.30
CA GLY B 139 8.69 34.04 -15.44
C GLY B 139 9.63 33.20 -16.28
N THR B 140 10.91 33.25 -15.95
CA THR B 140 11.93 32.58 -16.76
C THR B 140 12.60 31.46 -15.98
N PRO B 141 12.37 30.21 -16.35
CA PRO B 141 13.09 29.10 -15.71
C PRO B 141 14.59 29.28 -15.85
N GLU B 142 15.31 28.91 -14.79
CA GLU B 142 16.77 28.94 -14.76
C GLU B 142 17.32 27.52 -14.90
N LEU B 143 18.45 27.39 -15.60
CA LEU B 143 19.06 26.08 -15.79
C LEU B 143 19.95 25.72 -14.60
N SER B 144 19.92 24.44 -14.22
CA SER B 144 20.64 23.94 -13.05
C SER B 144 22.08 23.49 -13.39
N ASP B 146 26.55 24.28 -13.47
CA ASP B 146 27.10 23.25 -12.59
C ASP B 146 28.05 22.34 -13.35
N PRO B 147 29.36 22.67 -13.30
CA PRO B 147 30.34 21.90 -14.07
C PRO B 147 30.41 20.43 -13.71
N GLY B 148 29.81 20.01 -12.61
CA GLY B 148 29.83 18.61 -12.22
C GLY B 148 28.91 17.71 -13.00
N LEU B 149 28.00 18.27 -13.79
CA LEU B 149 27.02 17.48 -14.52
C LEU B 149 27.30 17.49 -16.02
N PRO B 150 26.85 16.46 -16.74
CA PRO B 150 27.09 16.42 -18.19
C PRO B 150 26.31 17.47 -18.97
N ILE B 151 25.14 17.88 -18.46
CA ILE B 151 24.30 18.86 -19.13
C ILE B 151 23.89 19.90 -18.09
N ARG B 152 23.35 21.01 -18.58
CA ARG B 152 22.66 21.96 -17.72
C ARG B 152 21.19 21.61 -17.70
N PRO B 153 20.70 20.90 -16.69
CA PRO B 153 19.33 20.38 -16.76
C PRO B 153 18.29 21.46 -16.53
N GLY B 154 17.14 21.25 -17.17
CA GLY B 154 16.02 22.15 -16.99
C GLY B 154 15.27 22.41 -18.27
N TRP B 155 14.62 23.56 -18.32
CA TRP B 155 13.78 23.98 -19.44
C TRP B 155 14.70 24.49 -20.54
N GLN B 156 14.82 23.70 -21.62
CA GLN B 156 15.71 24.00 -22.73
C GLN B 156 14.98 24.83 -23.78
N ASN B 157 15.70 25.74 -24.42
CA ASN B 157 15.13 26.61 -25.44
C ASN B 157 16.13 26.78 -26.56
N GLU B 158 15.76 26.31 -27.75
CA GLU B 158 16.64 26.36 -28.90
C GLU B 158 15.86 25.93 -30.14
N ALA B 159 16.21 26.52 -31.28
CA ALA B 159 15.69 26.11 -32.57
C ALA B 159 14.16 26.06 -32.56
N GLY B 160 13.54 27.09 -32.02
CA GLY B 160 12.09 27.17 -32.02
C GLY B 160 11.40 26.17 -31.12
N LEU B 161 12.14 25.43 -30.32
CA LEU B 161 11.58 24.43 -29.41
C LEU B 161 11.85 24.83 -27.97
N SER B 162 10.88 24.56 -27.11
CA SER B 162 11.09 24.55 -25.67
C SER B 162 10.77 23.16 -25.18
N TYR B 163 11.64 22.60 -24.33
CA TYR B 163 11.41 21.23 -23.88
C TYR B 163 12.15 20.99 -22.58
N SER B 164 11.63 20.04 -21.80
CA SER B 164 12.25 19.66 -20.54
C SER B 164 13.35 18.63 -20.79
N LEU B 165 14.55 18.91 -20.30
CA LEU B 165 15.64 17.93 -20.25
C LEU B 165 16.23 18.14 -18.85
N SER B 166 15.60 17.52 -17.84
CA SER B 166 15.71 18.01 -16.48
C SER B 166 16.31 17.02 -15.50
N GLU B 167 16.84 15.90 -15.96
CA GLU B 167 17.52 15.02 -15.02
C GLU B 167 18.90 15.59 -14.69
N PRO B 168 19.29 15.65 -13.40
CA PRO B 168 18.48 15.17 -12.27
C PRO B 168 17.50 16.21 -11.67
N HIS B 169 17.84 17.49 -11.65
CA HIS B 169 17.09 18.45 -10.84
C HIS B 169 16.78 19.75 -11.61
N GLY B 170 16.29 19.61 -12.84
CA GLY B 170 15.93 20.80 -13.61
C GLY B 170 14.44 21.10 -13.67
N THR B 171 13.59 20.15 -13.27
CA THR B 171 12.15 20.36 -13.39
C THR B 171 11.69 21.54 -12.53
N ARG B 172 12.35 21.75 -11.39
CA ARG B 172 12.03 22.89 -10.52
C ARG B 172 12.15 24.22 -11.27
N GLY B 173 12.81 24.23 -12.43
CA GLY B 173 12.93 25.46 -13.20
C GLY B 173 11.63 25.93 -13.79
N PHE B 174 10.75 25.00 -14.16
CA PHE B 174 9.49 25.38 -14.81
C PHE B 174 8.27 24.86 -14.09
N LEU B 175 8.42 24.11 -12.98
CA LEU B 175 7.31 23.54 -12.24
C LEU B 175 7.64 23.47 -10.75
N PRO B 176 6.90 24.18 -9.90
CA PRO B 176 7.12 23.99 -8.45
C PRO B 176 6.84 22.55 -8.10
N CYS B 177 7.83 21.87 -7.53
CA CYS B 177 7.71 20.44 -7.35
C CYS B 177 8.62 19.98 -6.21
N ASN B 178 8.35 18.77 -5.75
CA ASN B 178 9.25 18.05 -4.85
C ASN B 178 10.26 17.37 -5.76
N ASP B 179 11.37 18.05 -6.07
CA ASP B 179 12.19 17.67 -7.21
C ASP B 179 13.22 16.60 -6.81
N HIS B 180 12.71 15.40 -6.54
CA HIS B 180 13.58 14.31 -6.12
C HIS B 180 12.96 12.98 -6.54
N PRO B 181 13.75 12.04 -7.08
CA PRO B 181 13.14 10.82 -7.64
C PRO B 181 12.53 9.89 -6.61
N SER B 182 12.78 10.08 -5.30
CA SER B 182 12.12 9.29 -4.28
C SER B 182 10.63 9.61 -4.16
N ASP B 183 10.16 10.66 -4.82
CA ASP B 183 8.77 11.07 -4.77
C ASP B 183 8.22 11.21 -6.18
N PRO B 184 8.05 10.09 -6.89
CA PRO B 184 7.37 10.14 -8.18
C PRO B 184 5.89 10.48 -8.00
N ALA B 185 5.26 10.84 -9.11
CA ALA B 185 3.86 11.26 -9.08
C ALA B 185 3.26 11.05 -10.47
N THR B 186 1.94 11.05 -10.52
CA THR B 186 1.25 11.15 -11.78
C THR B 186 1.13 12.61 -12.18
N PHE B 187 0.90 12.84 -13.47
CA PHE B 187 0.86 14.18 -14.03
C PHE B 187 -0.30 14.33 -14.99
N THR B 188 -1.00 15.45 -14.89
CA THR B 188 -1.88 15.92 -15.96
C THR B 188 -1.35 17.27 -16.41
N VAL B 189 -1.08 17.41 -17.70
CA VAL B 189 -0.45 18.61 -18.24
C VAL B 189 -1.39 19.18 -19.27
N ARG B 190 -1.79 20.43 -19.07
CA ARG B 190 -2.56 21.18 -20.05
C ARG B 190 -1.63 22.29 -20.53
N VAL B 191 -1.19 22.19 -21.79
CA VAL B 191 -0.21 23.11 -22.33
C VAL B 191 -0.91 24.03 -23.33
N THR B 192 -0.78 25.32 -23.11
CA THR B 192 -1.37 26.32 -24.00
C THR B 192 -0.26 26.97 -24.82
N VAL B 193 -0.39 26.87 -26.14
CA VAL B 193 0.63 27.33 -27.07
C VAL B 193 -0.08 28.11 -28.19
N PRO B 194 0.65 28.90 -28.95
CA PRO B 194 0.03 29.56 -30.11
C PRO B 194 -0.55 28.53 -31.06
N ALA B 195 -1.64 28.90 -31.73
CA ALA B 195 -2.28 27.94 -32.62
C ALA B 195 -1.35 27.46 -33.73
N SER B 196 -0.32 28.24 -34.05
CA SER B 196 0.66 27.85 -35.06
C SER B 196 1.66 26.79 -34.57
N ALA B 197 1.65 26.49 -33.28
CA ALA B 197 2.56 25.52 -32.67
C ALA B 197 1.78 24.32 -32.16
N SER B 198 2.50 23.36 -31.60
CA SER B 198 1.88 22.21 -30.97
C SER B 198 2.68 21.88 -29.71
N ALA B 199 2.34 20.76 -29.08
CA ALA B 199 2.98 20.38 -27.84
C ALA B 199 2.83 18.89 -27.64
N ALA B 200 3.75 18.32 -26.87
CA ALA B 200 3.67 16.92 -26.48
C ALA B 200 4.23 16.80 -25.08
N ALA B 201 3.46 16.16 -24.20
CA ALA B 201 3.92 15.87 -22.85
C ALA B 201 3.68 14.40 -22.60
N SER B 202 4.39 13.87 -21.61
CA SER B 202 4.18 12.48 -21.23
C SER B 202 2.70 12.21 -20.94
N GLY B 203 2.22 11.07 -21.38
CA GLY B 203 0.88 10.62 -21.06
C GLY B 203 -0.01 10.49 -22.28
N LEU B 204 -1.22 10.00 -22.02
CA LEU B 204 -2.22 9.90 -23.07
C LEU B 204 -2.64 11.29 -23.51
N PHE B 205 -2.62 11.52 -24.83
CA PHE B 205 -3.12 12.77 -25.39
C PHE B 205 -4.63 12.68 -25.42
N THR B 206 -5.31 13.46 -24.58
CA THR B 206 -6.75 13.33 -24.40
C THR B 206 -7.54 14.42 -25.08
N THR B 207 -7.11 15.67 -24.95
CA THR B 207 -7.91 16.82 -25.35
C THR B 207 -7.07 17.80 -26.15
N GLN B 208 -7.69 18.44 -27.13
CA GLN B 208 -7.12 19.60 -27.79
C GLN B 208 -8.22 20.60 -28.07
N THR B 209 -8.09 21.82 -27.53
CA THR B 209 -9.04 22.89 -27.78
C THR B 209 -8.32 24.12 -28.30
N GLU B 210 -9.06 24.97 -29.00
CA GLU B 210 -8.49 26.17 -29.59
C GLU B 210 -9.46 27.32 -29.41
N ARG B 211 -8.95 28.44 -28.91
CA ARG B 211 -9.75 29.64 -28.69
C ARG B 211 -8.83 30.85 -28.66
N ASN B 212 -9.30 31.97 -29.21
CA ASN B 212 -8.56 33.23 -29.19
C ASN B 212 -7.16 33.08 -29.77
N GLY B 213 -7.03 32.22 -30.79
CA GLY B 213 -5.74 31.98 -31.42
C GLY B 213 -4.78 31.14 -30.60
N LEU B 214 -5.25 30.53 -29.52
CA LEU B 214 -4.41 29.71 -28.65
C LEU B 214 -4.91 28.28 -28.68
N LYS B 215 -3.98 27.33 -28.60
CA LYS B 215 -4.29 25.91 -28.60
C LYS B 215 -3.89 25.33 -27.25
N THR B 216 -4.78 24.53 -26.65
CA THR B 216 -4.48 23.87 -25.40
C THR B 216 -4.54 22.36 -25.60
N LEU B 217 -3.44 21.69 -25.26
CA LEU B 217 -3.34 20.24 -25.40
C LEU B 217 -3.20 19.62 -24.01
N THR B 218 -3.96 18.56 -23.76
CA THR B 218 -3.99 17.91 -22.46
C THR B 218 -3.47 16.49 -22.55
N PHE B 219 -2.56 16.15 -21.64
CA PHE B 219 -1.95 14.84 -21.57
C PHE B 219 -2.07 14.33 -20.15
N THR B 220 -2.34 13.03 -20.01
CA THR B 220 -2.51 12.44 -18.68
C THR B 220 -1.51 11.31 -18.52
N GLN B 221 -0.49 11.55 -17.69
CA GLN B 221 0.49 10.56 -17.30
C GLN B 221 -0.05 9.83 -16.06
N ARG B 222 -0.52 8.60 -16.26
CA ARG B 222 -1.34 7.92 -15.26
C ARG B 222 -0.59 6.90 -14.42
N VAL B 223 0.69 6.67 -14.69
CA VAL B 223 1.54 5.87 -13.81
C VAL B 223 2.60 6.80 -13.24
N PRO B 224 2.96 6.67 -11.96
CA PRO B 224 3.81 7.69 -11.34
C PRO B 224 5.28 7.53 -11.75
N VAL B 225 5.90 8.68 -12.01
CA VAL B 225 7.30 8.75 -12.44
C VAL B 225 7.95 9.98 -11.80
N PRO B 226 9.28 9.99 -11.73
CA PRO B 226 9.97 11.15 -11.15
C PRO B 226 9.68 12.41 -11.94
N THR B 227 9.90 13.55 -11.26
CA THR B 227 9.68 14.83 -11.91
C THR B 227 10.48 14.96 -13.21
N TYR B 228 11.74 14.51 -13.20
CA TYR B 228 12.54 14.70 -14.41
C TYR B 228 12.06 13.82 -15.56
N ALA B 229 11.26 12.80 -15.27
CA ALA B 229 10.70 11.94 -16.31
C ALA B 229 9.44 12.52 -16.93
N LEU B 230 8.96 13.66 -16.45
CA LEU B 230 7.87 14.35 -17.13
C LEU B 230 8.41 14.92 -18.44
N GLY B 231 8.02 14.30 -19.56
CA GLY B 231 8.34 14.87 -20.86
C GLY B 231 7.43 16.04 -21.21
N LEU B 232 8.00 17.05 -21.87
CA LEU B 232 7.23 18.24 -22.19
C LEU B 232 7.98 18.99 -23.28
N ILE B 233 7.39 19.04 -24.49
CA ILE B 233 8.01 19.64 -25.66
C ILE B 233 6.99 20.57 -26.29
N VAL B 234 7.44 21.76 -26.70
CA VAL B 234 6.59 22.74 -27.36
C VAL B 234 7.31 23.31 -28.57
N GLY B 235 6.57 23.47 -29.67
CA GLY B 235 7.14 23.93 -30.91
C GLY B 235 6.49 23.28 -32.10
N PRO B 236 7.18 23.28 -33.26
CA PRO B 236 6.60 22.66 -34.45
C PRO B 236 6.71 21.14 -34.39
N LEU B 237 5.63 20.47 -34.00
CA LEU B 237 5.66 19.03 -33.76
C LEU B 237 4.57 18.34 -34.55
N GLU B 238 4.82 17.08 -34.90
CA GLU B 238 3.87 16.27 -35.63
C GLU B 238 3.84 14.89 -35.00
N ARG B 239 2.63 14.38 -34.78
CA ARG B 239 2.42 13.07 -34.19
C ARG B 239 2.30 12.03 -35.29
N ARG B 240 2.92 10.87 -35.08
CA ARG B 240 2.78 9.76 -36.00
C ARG B 240 2.53 8.50 -35.18
N THR B 241 1.36 7.91 -35.38
CA THR B 241 0.99 6.72 -34.63
C THR B 241 1.44 5.46 -35.35
N ALA B 242 1.54 4.38 -34.60
CA ALA B 242 1.75 3.04 -35.11
C ALA B 242 0.73 2.13 -34.46
N PRO B 243 0.55 0.91 -34.99
CA PRO B 243 -0.42 -0.01 -34.39
C PRO B 243 -0.05 -0.32 -32.95
N ASP B 244 -1.06 -0.63 -32.15
CA ASP B 244 -0.86 -1.04 -30.76
C ASP B 244 0.04 -2.27 -30.69
N VAL B 245 0.84 -2.32 -29.62
CA VAL B 245 1.67 -3.48 -29.33
C VAL B 245 0.97 -4.33 -28.28
N GLN B 246 0.69 -5.58 -28.63
CA GLN B 246 -0.01 -6.50 -27.73
C GLN B 246 1.01 -7.36 -27.00
N LEU B 247 1.16 -7.14 -25.70
CA LEU B 247 2.02 -7.96 -24.86
C LEU B 247 1.21 -8.89 -23.96
N GLY B 248 0.35 -9.70 -24.56
CA GLY B 248 -0.54 -10.62 -23.87
C GLY B 248 -1.25 -10.14 -22.62
N THR B 249 -0.52 -9.53 -21.68
CA THR B 249 -1.13 -9.05 -20.46
C THR B 249 -1.56 -7.60 -20.56
N GLN B 250 -1.22 -6.90 -21.64
CA GLN B 250 -1.50 -5.48 -21.74
C GLN B 250 -1.42 -5.07 -23.21
N THR B 251 -2.00 -3.91 -23.49
CA THR B 251 -1.87 -3.24 -24.77
C THR B 251 -1.03 -1.99 -24.56
N VAL B 252 -0.06 -1.76 -25.44
CA VAL B 252 0.81 -0.59 -25.33
C VAL B 252 0.60 0.21 -26.61
N HIS B 253 0.06 1.42 -26.46
CA HIS B 253 -0.11 2.30 -27.60
C HIS B 253 1.24 2.75 -28.11
N ARG B 254 1.28 3.12 -29.38
CA ARG B 254 2.51 3.54 -30.05
C ARG B 254 2.28 4.86 -30.77
N ARG B 255 3.14 5.84 -30.47
CA ARG B 255 3.22 7.05 -31.23
C ARG B 255 4.61 7.65 -31.02
N ASP B 256 5.14 8.24 -32.07
CA ASP B 256 6.36 9.01 -32.00
C ASP B 256 6.04 10.43 -32.39
N ILE B 257 6.86 11.36 -31.91
CA ILE B 257 6.71 12.78 -32.22
C ILE B 257 7.89 13.19 -33.09
N TYR B 258 7.60 13.95 -34.14
CA TYR B 258 8.63 14.45 -35.03
C TYR B 258 8.60 15.97 -35.03
N ALA B 259 9.69 16.59 -34.59
CA ALA B 259 9.79 18.02 -34.69
C ALA B 259 10.22 18.42 -36.10
N ALA B 260 9.93 19.66 -36.46
CA ALA B 260 10.35 20.17 -37.75
C ALA B 260 11.87 20.29 -37.81
N GLY B 261 12.41 20.19 -39.02
CA GLY B 261 13.83 20.44 -39.22
C GLY B 261 14.76 19.26 -38.98
N LEU B 262 14.25 18.03 -38.97
CA LEU B 262 15.08 16.86 -38.68
C LEU B 262 16.00 16.52 -39.85
N PRO B 263 17.19 15.99 -39.55
CA PRO B 263 18.06 15.51 -40.62
C PRO B 263 17.34 14.47 -41.47
N ALA B 264 17.68 14.46 -42.77
CA ALA B 264 17.02 13.60 -43.74
C ALA B 264 16.80 12.16 -43.27
N GLY B 265 17.83 11.52 -42.72
CA GLY B 265 17.72 10.12 -42.34
C GLY B 265 17.19 9.81 -40.95
N THR B 266 16.33 10.67 -40.38
CA THR B 266 15.86 10.49 -39.01
C THR B 266 14.55 9.69 -38.97
N THR B 267 14.60 8.50 -38.39
CA THR B 267 13.41 7.68 -38.27
C THR B 267 13.55 6.72 -37.09
N VAL B 268 12.45 6.01 -36.82
CA VAL B 268 12.42 4.86 -35.92
C VAL B 268 12.10 3.65 -36.80
N PRO B 269 13.00 2.68 -36.91
CA PRO B 269 12.76 1.55 -37.82
C PRO B 269 11.41 0.90 -37.55
N GLU B 270 10.65 0.66 -38.62
CA GLU B 270 9.32 0.08 -38.48
C GLU B 270 9.37 -1.21 -37.67
N GLY B 271 8.44 -1.33 -36.73
CA GLY B 271 8.32 -2.53 -35.92
C GLY B 271 9.43 -2.78 -34.91
N GLU B 272 10.47 -1.95 -34.88
CA GLU B 272 11.54 -2.15 -33.91
C GLU B 272 11.04 -1.94 -32.48
N THR B 273 10.23 -0.91 -32.27
CA THR B 273 9.80 -0.62 -30.89
C THR B 273 8.97 -1.75 -30.33
N ALA B 274 8.14 -2.38 -31.17
CA ALA B 274 7.36 -3.51 -30.68
C ALA B 274 8.25 -4.68 -30.31
N ARG B 275 9.26 -4.97 -31.14
CA ARG B 275 10.18 -6.06 -30.82
C ARG B 275 10.93 -5.79 -29.52
N MET B 276 11.39 -4.56 -29.33
CA MET B 276 12.04 -4.20 -28.07
C MET B 276 11.10 -4.33 -26.88
N LEU B 277 9.86 -3.84 -27.01
CA LEU B 277 8.89 -3.98 -25.93
C LEU B 277 8.70 -5.45 -25.56
N ARG B 278 8.64 -6.34 -26.55
CA ARG B 278 8.46 -7.76 -26.27
C ARG B 278 9.68 -8.35 -25.57
N VAL B 279 10.88 -8.08 -26.08
CA VAL B 279 12.09 -8.64 -25.48
C VAL B 279 12.29 -8.11 -24.07
N LEU B 280 12.15 -6.80 -23.88
CA LEU B 280 12.42 -6.23 -22.56
C LEU B 280 11.35 -6.63 -21.55
N SER B 281 10.08 -6.64 -21.95
CA SER B 281 9.02 -7.04 -21.03
C SER B 281 9.14 -8.53 -20.67
N ASP B 282 9.64 -9.35 -21.57
CA ASP B 282 9.86 -10.76 -21.26
C ASP B 282 10.95 -10.93 -20.21
N TRP B 283 11.84 -9.94 -20.08
CA TRP B 283 12.92 -9.97 -19.10
C TRP B 283 12.54 -9.30 -17.79
N PHE B 284 11.78 -8.21 -17.87
CA PHE B 284 11.56 -7.34 -16.72
C PHE B 284 10.17 -7.44 -16.12
N GLY B 285 9.19 -7.96 -16.86
CA GLY B 285 7.80 -7.88 -16.49
C GLY B 285 7.05 -6.86 -17.32
N PRO B 286 5.76 -6.69 -17.06
CA PRO B 286 4.93 -5.81 -17.90
C PRO B 286 5.56 -4.42 -18.07
N TYR B 287 5.46 -3.90 -19.30
CA TYR B 287 5.80 -2.50 -19.53
C TYR B 287 4.98 -1.63 -18.57
N PRO B 288 5.59 -0.67 -17.87
CA PRO B 288 4.87 0.02 -16.80
C PRO B 288 3.81 1.02 -17.24
N ASP B 289 3.77 1.41 -18.52
CA ASP B 289 3.05 2.60 -18.93
C ASP B 289 2.05 2.20 -20.01
N GLU B 290 1.30 3.17 -20.52
CA GLU B 290 0.21 2.90 -21.44
C GLU B 290 0.58 3.15 -22.89
N VAL B 291 1.70 3.81 -23.14
CA VAL B 291 2.10 4.25 -24.46
C VAL B 291 3.63 4.32 -24.47
N TYR B 292 4.22 4.14 -25.65
CA TYR B 292 5.65 4.37 -25.76
C TYR B 292 5.98 4.90 -27.15
N GLY B 293 6.99 5.75 -27.18
CA GLY B 293 7.51 6.29 -28.42
C GLY B 293 8.63 7.26 -28.10
N VAL B 294 9.14 7.92 -29.15
CA VAL B 294 10.19 8.91 -29.00
C VAL B 294 9.73 10.21 -29.61
N ALA B 295 10.26 11.31 -29.09
CA ALA B 295 10.09 12.65 -29.65
C ALA B 295 11.42 13.02 -30.27
N LEU B 296 11.51 12.95 -31.61
CA LEU B 296 12.76 13.23 -32.30
C LEU B 296 12.91 14.73 -32.52
N LEU B 297 14.01 15.30 -32.02
CA LEU B 297 14.28 16.73 -32.09
C LEU B 297 15.56 17.02 -32.84
N PRO B 298 15.62 18.13 -33.60
CA PRO B 298 16.80 18.39 -34.44
C PRO B 298 17.95 19.00 -33.65
N VAL B 299 17.96 18.80 -32.34
CA VAL B 299 18.97 19.36 -31.49
C VAL B 299 20.04 18.32 -31.22
N ARG B 300 21.13 18.75 -30.61
CA ARG B 300 22.29 17.91 -30.28
C ARG B 300 22.38 17.86 -28.77
N GLN B 301 22.02 16.71 -28.19
CA GLN B 301 21.85 16.63 -26.75
C GLN B 301 21.67 15.16 -26.38
N LEU B 302 21.77 14.86 -25.09
CA LEU B 302 21.53 13.51 -24.62
C LEU B 302 20.05 13.15 -24.77
N ALA B 303 19.81 11.85 -24.97
CA ALA B 303 18.46 11.31 -24.93
C ALA B 303 18.06 11.09 -23.48
N LEU B 304 16.82 11.44 -23.15
CA LEU B 304 16.33 11.31 -21.78
C LEU B 304 15.05 10.50 -21.82
N GLU B 305 15.00 9.47 -20.98
CA GLU B 305 13.88 8.53 -20.88
C GLU B 305 12.61 9.15 -20.29
N THR B 306 12.20 10.32 -20.76
CA THR B 306 10.93 10.89 -20.30
C THR B 306 9.80 9.89 -20.51
N ALA B 307 8.83 9.91 -19.59
CA ALA B 307 7.89 8.81 -19.42
C ALA B 307 7.02 8.58 -20.66
N GLY B 308 7.05 7.36 -21.18
CA GLY B 308 6.26 6.97 -22.33
C GLY B 308 6.56 7.76 -23.58
N LEU B 309 7.53 8.66 -23.51
CA LEU B 309 7.84 9.52 -24.66
C LEU B 309 9.27 10.01 -24.44
N THR B 310 10.22 9.23 -24.91
CA THR B 310 11.61 9.55 -24.69
C THR B 310 11.96 10.80 -25.47
N THR B 311 12.64 11.74 -24.81
CA THR B 311 13.11 12.95 -25.47
C THR B 311 14.42 12.61 -26.18
N MET B 312 14.38 12.61 -27.52
CA MET B 312 15.43 12.01 -28.35
C MET B 312 16.02 13.03 -29.31
N PRO B 313 17.04 13.78 -28.90
CA PRO B 313 17.79 14.59 -29.86
C PRO B 313 18.32 13.71 -30.98
N ALA B 314 18.21 14.21 -32.21
CA ALA B 314 18.48 13.37 -33.38
C ALA B 314 19.89 12.77 -33.35
N THR B 315 20.85 13.47 -32.73
CA THR B 315 22.21 12.99 -32.66
C THR B 315 22.35 11.72 -31.81
N SER B 316 21.42 11.49 -30.89
CA SER B 316 21.42 10.31 -30.05
C SER B 316 20.54 9.19 -30.60
N ASN B 317 19.94 9.37 -31.76
CA ASN B 317 18.94 8.43 -32.26
C ASN B 317 19.66 7.23 -32.88
N ARG B 318 20.10 6.31 -32.02
CA ARG B 318 20.71 5.05 -32.44
C ARG B 318 19.99 3.89 -31.76
N GLU B 319 20.05 2.71 -32.39
CA GLU B 319 19.35 1.55 -31.86
C GLU B 319 19.63 1.32 -30.38
N ARG B 320 20.90 1.39 -29.98
CA ARG B 320 21.28 1.09 -28.60
C ARG B 320 20.72 2.13 -27.64
N VAL B 321 20.68 3.39 -28.07
CA VAL B 321 20.10 4.44 -27.25
C VAL B 321 18.60 4.28 -27.16
N ARG B 322 17.94 3.96 -28.29
CA ARG B 322 16.50 3.73 -28.25
C ARG B 322 16.15 2.60 -27.30
N LEU B 323 16.91 1.51 -27.35
CA LEU B 323 16.73 0.42 -26.37
C LEU B 323 16.95 0.93 -24.96
N HIS B 324 18.10 1.56 -24.74
CA HIS B 324 18.47 2.10 -23.43
C HIS B 324 17.35 2.93 -22.83
N ALA B 325 16.85 3.91 -23.58
CA ALA B 325 15.82 4.81 -23.06
C ALA B 325 14.53 4.06 -22.75
N LEU B 326 14.20 3.05 -23.54
CA LEU B 326 13.01 2.23 -23.25
C LEU B 326 13.22 1.41 -22.00
N ALA B 327 14.40 0.83 -21.81
CA ALA B 327 14.69 0.09 -20.59
C ALA B 327 14.51 0.96 -19.35
N HIS B 328 14.86 2.25 -19.45
CA HIS B 328 14.65 3.17 -18.34
C HIS B 328 13.19 3.32 -17.94
N GLN B 329 12.24 3.04 -18.83
CA GLN B 329 10.84 3.10 -18.43
C GLN B 329 10.59 2.19 -17.23
N TRP B 330 11.27 1.05 -17.19
CA TRP B 330 11.33 0.27 -15.95
C TRP B 330 12.35 0.84 -14.97
N PHE B 331 13.62 0.93 -15.37
CA PHE B 331 14.68 1.21 -14.43
C PHE B 331 14.98 2.71 -14.41
N GLY B 332 14.29 3.42 -13.52
CA GLY B 332 14.42 4.86 -13.44
C GLY B 332 13.05 5.49 -13.31
N ASP B 333 12.14 5.13 -14.22
CA ASP B 333 10.82 5.75 -14.21
C ASP B 333 9.85 5.00 -13.31
N GLN B 334 9.79 3.67 -13.43
CA GLN B 334 8.94 2.90 -12.53
C GLN B 334 9.65 2.59 -11.22
N VAL B 335 10.82 1.97 -11.30
CA VAL B 335 11.71 1.77 -10.16
C VAL B 335 12.56 3.03 -10.05
N THR B 336 12.27 3.87 -9.05
CA THR B 336 12.93 5.17 -8.92
C THR B 336 13.98 5.14 -7.82
N LEU B 337 14.92 6.08 -7.93
CA LEU B 337 16.05 6.15 -7.00
C LEU B 337 15.65 6.80 -5.70
N ALA B 338 16.10 6.19 -4.59
CA ALA B 338 15.96 6.81 -3.28
C ALA B 338 17.00 7.90 -3.06
N ASP B 339 18.11 7.86 -3.78
CA ASP B 339 19.21 8.78 -3.60
C ASP B 339 19.98 8.87 -4.92
N TRP B 340 20.38 10.09 -5.29
CA TRP B 340 21.09 10.27 -6.55
C TRP B 340 22.43 9.58 -6.57
N ALA B 341 22.97 9.20 -5.41
CA ALA B 341 24.19 8.42 -5.38
C ALA B 341 24.03 7.07 -6.07
N ASP B 342 22.79 6.57 -6.23
CA ASP B 342 22.55 5.23 -6.75
C ASP B 342 22.16 5.24 -8.23
N THR B 343 22.58 6.24 -9.00
CA THR B 343 22.21 6.27 -10.41
C THR B 343 22.57 5.00 -11.13
N TRP B 344 23.56 4.24 -10.66
CA TRP B 344 23.93 3.02 -11.37
C TRP B 344 22.76 2.04 -11.43
N LEU B 345 21.87 2.09 -10.45
CA LEU B 345 20.67 1.24 -10.49
C LEU B 345 19.79 1.61 -11.67
N SER B 346 19.83 2.86 -12.12
CA SER B 346 19.13 3.24 -13.34
C SER B 346 20.02 3.05 -14.57
N GLU B 347 21.19 3.71 -14.60
CA GLU B 347 22.01 3.69 -15.82
C GLU B 347 22.61 2.32 -16.08
N GLY B 348 23.00 1.61 -15.02
CA GLY B 348 23.62 0.31 -15.22
C GLY B 348 22.63 -0.74 -15.71
N PHE B 349 21.41 -0.71 -15.18
CA PHE B 349 20.35 -1.62 -15.62
C PHE B 349 19.93 -1.30 -17.06
N ALA B 350 19.69 -0.02 -17.35
CA ALA B 350 19.34 0.36 -18.72
C ALA B 350 20.44 0.00 -19.69
N THR B 351 21.70 0.12 -19.26
CA THR B 351 22.81 -0.27 -20.13
C THR B 351 22.83 -1.79 -20.32
N TYR B 352 22.65 -2.54 -19.24
CA TYR B 352 22.67 -3.99 -19.40
C TYR B 352 21.55 -4.46 -20.32
N ALA B 353 20.41 -3.76 -20.30
CA ALA B 353 19.32 -4.11 -21.21
C ALA B 353 19.77 -4.11 -22.67
N GLU B 354 20.73 -3.25 -23.03
CA GLU B 354 21.23 -3.22 -24.41
C GLU B 354 21.87 -4.55 -24.78
N LEU B 355 22.59 -5.16 -23.83
CA LEU B 355 23.20 -6.47 -24.08
C LEU B 355 22.13 -7.55 -24.16
N LEU B 356 21.12 -7.49 -23.28
CA LEU B 356 20.01 -8.42 -23.41
C LEU B 356 19.33 -8.26 -24.77
N TRP B 357 19.17 -7.02 -25.23
CA TRP B 357 18.56 -6.80 -26.54
C TRP B 357 19.45 -7.36 -27.65
N ALA B 358 20.75 -7.05 -27.60
CA ALA B 358 21.66 -7.56 -28.63
C ALA B 358 21.58 -9.07 -28.72
N GLU B 359 21.60 -9.75 -27.57
CA GLU B 359 21.51 -11.21 -27.59
C GLU B 359 20.20 -11.66 -28.21
N SER B 360 19.09 -11.00 -27.88
CA SER B 360 17.80 -11.39 -28.45
C SER B 360 17.81 -11.32 -29.97
N GLN B 361 18.64 -10.45 -30.54
CA GLN B 361 18.78 -10.29 -31.99
C GLN B 361 19.89 -11.15 -32.57
N GLY B 362 20.43 -12.08 -31.79
CA GLY B 362 21.42 -13.03 -32.28
C GLY B 362 22.86 -12.62 -32.12
N GLU B 363 23.16 -11.54 -31.41
CA GLU B 363 24.52 -11.06 -31.28
C GLU B 363 25.23 -11.71 -30.09
N ASP B 364 26.55 -11.57 -30.09
CA ASP B 364 27.40 -12.09 -29.03
C ASP B 364 27.38 -11.12 -27.85
N GLY B 365 26.71 -11.52 -26.77
CA GLY B 365 26.62 -10.64 -25.61
C GLY B 365 27.93 -10.49 -24.88
N GLN B 366 28.70 -11.58 -24.80
CA GLN B 366 29.98 -11.49 -24.09
C GLN B 366 30.91 -10.50 -24.77
N ALA B 367 30.87 -10.44 -26.11
CA ALA B 367 31.67 -9.44 -26.82
C ALA B 367 31.28 -8.04 -26.40
N MET B 368 29.99 -7.79 -26.20
CA MET B 368 29.56 -6.48 -25.71
C MET B 368 30.07 -6.24 -24.29
N ALA B 369 29.98 -7.24 -23.42
CA ALA B 369 30.50 -7.09 -22.06
C ALA B 369 32.01 -6.84 -22.07
N ALA B 370 32.72 -7.53 -22.97
CA ALA B 370 34.17 -7.34 -23.04
C ALA B 370 34.52 -5.92 -23.48
N ASP B 371 33.74 -5.35 -24.40
CA ASP B 371 33.97 -3.97 -24.82
C ASP B 371 33.77 -3.01 -23.65
N TRP B 372 32.68 -3.18 -22.91
CA TRP B 372 32.48 -2.36 -21.71
C TRP B 372 33.66 -2.48 -20.77
N TYR B 373 34.13 -3.71 -20.55
CA TYR B 373 35.24 -3.91 -19.63
C TYR B 373 36.49 -3.20 -20.11
N ALA B 374 36.79 -3.30 -21.42
CA ALA B 374 37.91 -2.57 -21.99
C ALA B 374 37.82 -1.08 -21.71
N ARG B 375 36.62 -0.51 -21.78
CA ARG B 375 36.46 0.91 -21.49
C ARG B 375 36.78 1.20 -20.03
N LEU B 376 36.32 0.36 -19.12
CA LEU B 376 36.60 0.57 -17.71
C LEU B 376 38.07 0.31 -17.38
N SER B 377 38.74 -0.57 -18.13
CA SER B 377 40.09 -0.96 -17.76
C SER B 377 41.09 0.19 -17.85
N VAL B 378 40.74 1.27 -18.54
CA VAL B 378 41.63 2.43 -18.67
C VAL B 378 41.11 3.62 -17.90
N LEU B 379 40.10 3.43 -17.06
CA LEU B 379 39.50 4.49 -16.27
C LEU B 379 39.68 4.20 -14.78
N PRO B 380 39.65 5.24 -13.95
CA PRO B 380 39.64 5.01 -12.51
C PRO B 380 38.49 4.10 -12.12
N SER B 381 38.67 3.39 -11.02
CA SER B 381 37.63 2.52 -10.49
C SER B 381 37.01 3.21 -9.28
N ARG B 382 35.78 2.83 -8.97
CA ARG B 382 35.09 3.35 -7.80
C ARG B 382 33.99 2.38 -7.43
N PRO B 383 33.60 2.32 -6.16
CA PRO B 383 32.38 1.58 -5.79
C PRO B 383 31.19 2.19 -6.50
N LEU B 384 30.12 1.39 -6.64
CA LEU B 384 29.02 1.81 -7.48
C LEU B 384 28.19 2.93 -6.86
N ARG B 385 28.08 2.98 -5.53
CA ARG B 385 27.44 4.13 -4.87
C ARG B 385 28.33 5.35 -5.05
N ALA B 386 27.83 6.37 -5.74
CA ALA B 386 28.63 7.57 -5.98
C ALA B 386 28.79 8.37 -4.69
N THR B 387 29.95 9.02 -4.55
CA THR B 387 30.19 9.96 -3.47
C THR B 387 30.30 11.40 -3.94
N ARG B 388 30.35 11.65 -5.24
CA ARG B 388 30.47 13.00 -5.73
C ARG B 388 29.57 13.18 -6.94
N GLU B 389 29.10 14.41 -7.12
CA GLU B 389 28.20 14.70 -8.23
C GLU B 389 28.80 14.30 -9.56
N GLU B 390 30.10 14.56 -9.75
CA GLU B 390 30.77 14.25 -11.01
C GLU B 390 30.68 12.77 -11.37
N GLU B 391 30.37 11.92 -10.41
CA GLU B 391 30.39 10.49 -10.67
C GLU B 391 29.04 9.93 -11.13
N ILE B 392 27.92 10.62 -10.86
CA ILE B 392 26.63 9.96 -10.99
C ILE B 392 26.31 9.61 -12.44
N PHE B 393 26.91 10.27 -13.43
CA PHE B 393 26.74 9.85 -14.82
C PHE B 393 28.08 9.51 -15.46
N ASP B 394 29.02 8.98 -14.69
CA ASP B 394 30.32 8.66 -15.24
C ASP B 394 30.31 7.25 -15.83
N ALA B 395 31.46 6.84 -16.37
CA ALA B 395 31.53 5.55 -17.05
C ALA B 395 31.16 4.40 -16.12
N SER B 396 31.47 4.52 -14.82
CA SER B 396 31.19 3.42 -13.90
C SER B 396 29.69 3.29 -13.66
N ALA B 397 28.97 4.41 -13.60
CA ALA B 397 27.52 4.35 -13.42
C ALA B 397 26.86 3.53 -14.51
N TYR B 398 27.37 3.63 -15.74
CA TYR B 398 26.82 2.90 -16.88
C TYR B 398 27.41 1.50 -16.98
N PHE B 399 28.72 1.42 -17.18
CA PHE B 399 29.34 0.18 -17.61
C PHE B 399 29.78 -0.69 -16.45
N ARG B 400 30.23 -0.08 -15.35
CA ARG B 400 30.48 -0.88 -14.17
C ARG B 400 29.18 -1.44 -13.62
N GLY B 401 28.12 -0.63 -13.63
CA GLY B 401 26.81 -1.13 -13.25
C GLY B 401 26.35 -2.27 -14.14
N ALA B 402 26.52 -2.14 -15.45
CA ALA B 402 26.08 -3.22 -16.33
C ALA B 402 26.89 -4.48 -16.10
N LEU B 403 28.22 -4.36 -15.93
CA LEU B 403 29.05 -5.54 -15.71
C LEU B 403 28.80 -6.18 -14.35
N ALA B 404 28.41 -5.38 -13.35
CA ALA B 404 27.97 -5.97 -12.08
C ALA B 404 26.79 -6.91 -12.32
N LEU B 405 25.79 -6.48 -13.11
CA LEU B 405 24.67 -7.36 -13.42
C LEU B 405 25.13 -8.57 -14.24
N HIS B 406 26.11 -8.37 -15.13
CA HIS B 406 26.63 -9.48 -15.92
C HIS B 406 27.26 -10.53 -15.01
N ALA B 407 28.03 -10.09 -14.02
CA ALA B 407 28.64 -11.01 -13.05
C ALA B 407 27.57 -11.79 -12.30
N LEU B 408 26.53 -11.10 -11.84
CA LEU B 408 25.44 -11.77 -11.16
C LEU B 408 24.75 -12.76 -12.09
N ARG B 409 24.43 -12.33 -13.31
CA ARG B 409 23.78 -13.22 -14.25
C ARG B 409 24.60 -14.48 -14.51
N LEU B 410 25.91 -14.31 -14.71
CA LEU B 410 26.74 -15.48 -14.97
C LEU B 410 26.84 -16.38 -13.75
N LYS B 411 26.77 -15.81 -12.54
CA LYS B 411 26.82 -16.65 -11.35
C LYS B 411 25.57 -17.51 -11.19
N VAL B 412 24.38 -16.97 -11.47
CA VAL B 412 23.14 -17.69 -11.15
C VAL B 412 22.44 -18.31 -12.34
N GLY B 413 22.88 -18.03 -13.56
CA GLY B 413 22.24 -18.58 -14.75
C GLY B 413 21.03 -17.77 -15.20
N ASP B 414 20.69 -17.92 -16.48
CA ASP B 414 19.72 -17.00 -17.08
C ASP B 414 18.33 -17.12 -16.48
N ALA B 415 17.92 -18.34 -16.14
CA ALA B 415 16.60 -18.54 -15.56
C ALA B 415 16.47 -17.79 -14.24
N ALA B 416 17.44 -17.97 -13.35
CA ALA B 416 17.41 -17.29 -12.06
C ALA B 416 17.56 -15.79 -12.20
N PHE B 417 18.39 -15.36 -13.14
CA PHE B 417 18.61 -13.93 -13.37
C PHE B 417 17.33 -13.27 -13.89
N GLY B 418 16.68 -13.91 -14.87
CA GLY B 418 15.42 -13.37 -15.36
C GLY B 418 14.36 -13.30 -14.28
N GLN B 419 14.24 -14.37 -13.49
CA GLN B 419 13.29 -14.35 -12.38
C GLN B 419 13.63 -13.23 -11.41
N PHE B 420 14.93 -13.02 -11.16
CA PHE B 420 15.32 -11.98 -10.23
C PHE B 420 14.95 -10.60 -10.75
N LEU B 421 15.19 -10.33 -12.03
CA LEU B 421 14.81 -9.04 -12.60
C LEU B 421 13.30 -8.81 -12.46
N HIS B 422 12.50 -9.84 -12.71
CA HIS B 422 11.06 -9.72 -12.48
C HIS B 422 10.78 -9.36 -11.03
N SER B 423 11.43 -10.05 -10.09
CA SER B 423 11.16 -9.82 -8.68
C SER B 423 11.68 -8.45 -8.25
N TYR B 424 12.83 -8.05 -8.77
CA TYR B 424 13.37 -6.73 -8.46
C TYR B 424 12.40 -5.63 -8.83
N VAL B 425 11.83 -5.69 -10.04
CA VAL B 425 10.89 -4.68 -10.48
C VAL B 425 9.66 -4.65 -9.58
N LYS B 426 9.11 -5.82 -9.26
CA LYS B 426 7.95 -5.88 -8.38
C LYS B 426 8.29 -5.38 -6.97
N THR B 427 9.47 -5.72 -6.47
CA THR B 427 9.84 -5.34 -5.12
C THR B 427 9.89 -3.82 -4.96
N PHE B 428 10.36 -3.11 -5.98
CA PHE B 428 10.59 -1.67 -5.93
C PHE B 428 9.61 -0.89 -6.79
N THR B 429 8.43 -1.45 -7.01
CA THR B 429 7.30 -0.70 -7.55
C THR B 429 6.62 0.01 -6.39
N GLY B 430 6.43 1.32 -6.54
CA GLY B 430 5.79 2.13 -5.51
C GLY B 430 6.67 2.44 -4.32
N ARG B 431 7.93 2.06 -4.36
CA ARG B 431 8.95 2.18 -3.32
C ARG B 431 10.30 2.43 -3.98
N PRO B 432 10.99 3.50 -3.63
CA PRO B 432 12.29 3.78 -4.26
C PRO B 432 13.33 2.73 -3.88
N VAL B 433 14.31 2.55 -4.77
CA VAL B 433 15.31 1.51 -4.60
C VAL B 433 16.62 2.14 -4.12
N SER B 434 17.44 1.32 -3.47
CA SER B 434 18.78 1.73 -3.05
C SER B 434 19.72 0.56 -3.27
N THR B 435 21.01 0.87 -3.30
CA THR B 435 22.01 -0.18 -3.45
C THR B 435 21.94 -1.18 -2.30
N THR B 436 21.82 -0.69 -1.07
CA THR B 436 21.68 -1.58 0.08
C THR B 436 20.49 -2.50 -0.10
N ALA B 437 19.34 -1.96 -0.52
CA ALA B 437 18.14 -2.77 -0.69
C ALA B 437 18.32 -3.80 -1.80
N LEU B 438 19.05 -3.45 -2.86
CA LEU B 438 19.36 -4.43 -3.90
C LEU B 438 20.16 -5.59 -3.32
N LEU B 439 21.24 -5.28 -2.61
CA LEU B 439 22.07 -6.33 -2.04
C LEU B 439 21.25 -7.23 -1.11
N THR B 440 20.37 -6.64 -0.31
CA THR B 440 19.50 -7.43 0.56
C THR B 440 18.60 -8.36 -0.24
N LEU B 441 17.99 -7.83 -1.30
CA LEU B 441 17.12 -8.64 -2.14
C LEU B 441 17.88 -9.80 -2.79
N VAL B 442 19.08 -9.54 -3.30
CA VAL B 442 19.86 -10.61 -3.90
C VAL B 442 20.16 -11.68 -2.87
N LYS B 443 20.60 -11.26 -1.68
CA LYS B 443 20.87 -12.24 -0.62
C LYS B 443 19.65 -13.09 -0.33
N THR B 444 18.49 -12.44 -0.15
CA THR B 444 17.26 -13.16 0.16
C THR B 444 16.83 -14.05 -1.00
N GLN B 445 16.85 -13.51 -2.22
CA GLN B 445 16.31 -14.24 -3.36
C GLN B 445 17.32 -15.21 -3.95
N LEU B 446 18.59 -14.83 -4.02
CA LEU B 446 19.56 -15.67 -4.73
C LEU B 446 20.60 -16.32 -3.84
N GLY B 447 20.80 -15.85 -2.62
CA GLY B 447 21.75 -16.49 -1.73
C GLY B 447 23.05 -15.71 -1.61
N ALA B 448 23.86 -16.17 -0.66
CA ALA B 448 25.07 -15.44 -0.28
C ALA B 448 26.09 -15.42 -1.40
N GLU B 449 26.22 -16.52 -2.15
CA GLU B 449 27.19 -16.55 -3.24
C GLU B 449 26.87 -15.49 -4.29
N ALA B 450 25.58 -15.32 -4.62
CA ALA B 450 25.19 -14.27 -5.54
C ALA B 450 25.46 -12.90 -4.95
N GLU B 451 25.07 -12.70 -3.69
CA GLU B 451 25.28 -11.41 -3.05
C GLU B 451 26.76 -11.05 -2.98
N GLN B 452 27.62 -12.01 -2.63
CA GLN B 452 29.05 -11.73 -2.58
C GLN B 452 29.59 -11.35 -3.95
N THR B 453 29.16 -12.07 -4.99
CA THR B 453 29.59 -11.73 -6.35
C THR B 453 29.21 -10.30 -6.71
N LEU B 454 27.97 -9.92 -6.44
CA LEU B 454 27.54 -8.56 -6.72
C LEU B 454 28.29 -7.56 -5.86
N ARG B 455 28.52 -7.92 -4.58
CA ARG B 455 29.18 -6.99 -3.66
C ARG B 455 30.60 -6.64 -4.09
N VAL B 456 31.32 -7.60 -4.70
CA VAL B 456 32.66 -7.30 -5.23
C VAL B 456 32.60 -6.15 -6.22
N TRP B 457 31.55 -6.12 -7.05
CA TRP B 457 31.39 -5.05 -8.02
C TRP B 457 30.79 -3.81 -7.39
N VAL B 458 29.86 -3.97 -6.45
CA VAL B 458 29.17 -2.82 -5.88
C VAL B 458 30.05 -2.10 -4.85
N GLU B 459 30.72 -2.83 -3.96
CA GLU B 459 31.49 -2.20 -2.90
C GLU B 459 32.99 -2.30 -3.07
N GLY B 460 33.48 -3.20 -3.91
CA GLY B 460 34.91 -3.29 -4.16
C GLY B 460 35.46 -1.96 -4.69
N ARG B 461 36.68 -1.63 -4.25
CA ARG B 461 37.29 -0.38 -4.67
C ARG B 461 37.86 -0.50 -6.08
N THR B 462 38.31 -1.70 -6.44
CA THR B 462 39.03 -2.03 -7.66
C THR B 462 38.12 -2.60 -8.74
N LEU B 463 38.62 -2.62 -9.96
CA LEU B 463 37.87 -3.25 -11.04
C LEU B 463 38.05 -4.77 -10.96
N PRO B 464 36.99 -5.54 -10.75
CA PRO B 464 37.13 -7.01 -10.70
C PRO B 464 37.45 -7.56 -12.07
N PRO B 465 37.84 -8.83 -12.17
CA PRO B 465 38.08 -9.43 -13.48
C PRO B 465 36.83 -9.41 -14.34
N LEU B 466 37.04 -9.43 -15.66
CA LEU B 466 35.93 -9.50 -16.60
C LEU B 466 35.08 -10.73 -16.29
N PRO B 467 33.77 -10.58 -16.04
CA PRO B 467 32.92 -11.75 -15.84
C PRO B 467 32.80 -12.52 -17.15
N GLU B 468 33.14 -13.79 -17.09
CA GLU B 468 33.16 -14.63 -18.27
C GLU B 468 32.44 -15.94 -17.99
N PRO B 469 31.80 -16.53 -19.00
CA PRO B 469 31.18 -17.85 -18.81
C PRO B 469 32.22 -18.86 -18.39
N VAL B 470 32.05 -19.43 -17.19
CA VAL B 470 33.01 -20.36 -16.65
C VAL B 470 32.55 -21.79 -16.85
N TYR C 1 -15.71 -2.95 18.21
CA TYR C 1 -15.11 -1.84 18.92
C TYR C 1 -16.10 -1.13 19.84
N SER C 2 -15.60 -0.68 20.98
CA SER C 2 -16.36 0.24 21.81
C SER C 2 -15.40 1.00 22.71
N ALA C 3 -15.61 2.30 22.83
CA ALA C 3 -14.87 3.15 23.75
C ALA C 3 -15.43 3.01 25.16
N TYR D 1 19.88 8.81 -19.02
CA TYR D 1 20.64 9.59 -20.04
C TYR D 1 21.49 8.70 -20.91
N SER D 2 21.57 9.06 -22.19
CA SER D 2 22.57 8.47 -23.07
C SER D 2 22.77 9.41 -24.25
N ALA D 3 24.03 9.60 -24.61
CA ALA D 3 24.39 10.40 -25.78
C ALA D 3 24.19 9.60 -27.06
#